data_9N65
#
_entry.id   9N65
#
_cell.length_a   1.00
_cell.length_b   1.00
_cell.length_c   1.00
_cell.angle_alpha   90.00
_cell.angle_beta   90.00
_cell.angle_gamma   90.00
#
_symmetry.space_group_name_H-M   'P 1'
#
loop_
_entity.id
_entity.type
_entity.pdbx_description
1 polymer 'Antigen peptide transporter 1'
2 polymer 'Antigen peptide transporter 2'
3 non-polymer "ADENOSINE-5'-TRIPHOSPHATE"
4 non-polymer 'MAGNESIUM ION'
5 non-polymer "ADENOSINE-5'-DIPHOSPHATE"
#
loop_
_entity_poly.entity_id
_entity_poly.type
_entity_poly.pdbx_seq_one_letter_code
_entity_poly.pdbx_strand_id
1 'polypeptide(L)'
;MASSRCPAPRGCRCLPGASLAWLGTVLLLLADWVLLRTALPRIFSLLVPTALPLLRVWAVGLSRWAVLWLGACGVLRATV
GSKSENAGAQGWLAALKPLAAALGLALPGLALFRELISWGAPGSADSTRLLHWGSHPTAFVVSYAAALPAAALWHKLGSL
WVPGGQGGSGNPVRRLLGCLGSETRRLSLFLVLVVLSSLGEMAIPFFTGRLTDWILQDGSADTFTRNLTLMSILTIASAV
LEFVGDGIYNNTMGHVHSHLQGEVFGAVLRQETEFFQQNQTGNIMSRVTEDTSTLSDSLSENLSLFLWYLVRGLCLLGIM
LWGSVSLTMVTLITLPLLFLLPKKVGKWYQLLEVQVRESLAKSSQVAIEALSAMPTVRSFANEEGEAQKFREKLQEIKTL
NQKEAVAYAVNSWTTSISGMLLKVGILYIGGQLVTSGAVSSGNLVTFVLYQMQFTQAVEVLLSIYPRVQKAVGSSEKIFE
YLDRTPRCPPSGLLTPLHLEGLVQFQDVSFAYPNRPDVLVLQGLTFTLRPGEVTALVGPNGSGKSTVAALLQNLYQPTGG
QLLLDGKPLPQYEHRYLHRQVAAVGQEPQVFGRSLQENIAYGLTQKPTMEEITAAAVKSGAHSFISGLPQGYDTEVDEAG
SQLSGGQRQAVALARALIRKPCVLILDDATSALDANSQLQVEQLLYESPERYSRSVLLITQHLSLVEQADHILFLEGGAI
REGGTHQQLMEKKGCYWAMVQAPADAPE
;
A
2 'polypeptide(L)'
;MRLPDLRPWTSLLLVDAALLWLLQGPLGTLLPQGLPGLWLEGTLRLGGLWGLLKLRGLLGFVGTLLLPLCLATPLTVSLR
ALVAGASRAPPARVASAPWSWLLVGYGAAGLSWSLWAVLSPPGAQEKEQDQVNNKVLMWRLLKLSRPDLPLLVAAFFFLV
LAVLGETLIPHYSGRVIDILGGDFDPHAFASAIFFMCLFSFGSSLSAGCRGGCFTYTMSRINLRIREQLFSSLLRQDLGF
FQETKTGELNSRLSSDTTLMSNWLPLNANVLLRSLVKVVGLYGFMLSISPRLTLLSLLHMPFTIAAEKVYNTRHQEVLRE
IQDAVARAGQVVREAVGGLQTVRSFGAEEHEVCRYKEALEQCRQLYWRRDLERALYLLVRRVLHLGVQMLMLSCGLQQMQ
DGELTQGSLLSFMIYQESVGSYVQTLVYIYGDMLSNVGAAEKVFSYMDRQPNLPSPGTLAPTTLQGVVKFQDVSFAYPNR
PDRPVLKGLTFTLRPGEVTALVGPNGSGKSTVAALLQNLYQPTGGQVLLDEKPISQYEHCYLHSQVVSVGQEPVLFSGSV
RNNIAYGLQSCEDDKVMAAAQAAHADDFIQEMEHGIYTDVGEKGSQLAAGQKQRLAIARALVRDPRVLILDEATSALDVQ
CEQALQDWNSRGDRTVLVIAHRLQTVQRAHQILVLQEGKLQKLAQL
;
B
#
loop_
_chem_comp.id
_chem_comp.type
_chem_comp.name
_chem_comp.formula
ADP non-polymer ADENOSINE-5'-DIPHOSPHATE 'C10 H15 N5 O10 P2'
ATP non-polymer ADENOSINE-5'-TRIPHOSPHATE 'C10 H16 N5 O13 P3'
MG non-polymer 'MAGNESIUM ION' 'Mg 2'
#
# COMPACT_ATOMS: atom_id res chain seq x y z
N VAL A 173 -5.17 18.68 -21.44
CA VAL A 173 -3.92 19.38 -21.16
C VAL A 173 -3.21 19.67 -22.47
N ARG A 174 -2.81 20.93 -22.66
CA ARG A 174 -2.22 21.37 -23.92
C ARG A 174 -0.87 20.72 -24.16
N ARG A 175 0.00 20.69 -23.15
CA ARG A 175 1.34 20.16 -23.34
C ARG A 175 1.35 18.63 -23.43
N LEU A 176 0.40 17.95 -22.79
CA LEU A 176 0.28 16.51 -22.97
C LEU A 176 -0.20 16.18 -24.38
N LEU A 177 -1.14 16.97 -24.90
CA LEU A 177 -1.57 16.80 -26.28
C LEU A 177 -0.46 17.15 -27.26
N GLY A 178 0.31 18.20 -26.96
CA GLY A 178 1.44 18.56 -27.80
C GLY A 178 2.58 17.57 -27.76
N CYS A 179 2.67 16.75 -26.71
CA CYS A 179 3.63 15.67 -26.68
C CYS A 179 3.32 14.63 -27.75
N LEU A 180 2.03 14.33 -27.96
CA LEU A 180 1.59 13.39 -28.98
C LEU A 180 1.25 14.19 -30.23
N GLY A 181 2.29 14.64 -30.92
CA GLY A 181 2.11 15.43 -32.13
C GLY A 181 2.67 14.77 -33.38
N SER A 182 3.70 13.96 -33.21
CA SER A 182 4.31 13.28 -34.35
C SER A 182 3.50 12.09 -34.84
N GLU A 183 2.56 11.60 -34.02
CA GLU A 183 1.73 10.46 -34.38
C GLU A 183 0.37 10.87 -34.92
N THR A 184 0.28 12.04 -35.57
CA THR A 184 -1.00 12.49 -36.12
C THR A 184 -1.42 11.62 -37.30
N ARG A 185 -0.45 11.12 -38.08
CA ARG A 185 -0.78 10.27 -39.21
C ARG A 185 -1.37 8.94 -38.77
N ARG A 186 -0.83 8.35 -37.70
CA ARG A 186 -1.36 7.09 -37.20
C ARG A 186 -2.65 7.28 -36.43
N LEU A 187 -2.81 8.41 -35.74
CA LEU A 187 -4.05 8.66 -35.01
C LEU A 187 -5.20 8.95 -35.97
N SER A 188 -4.90 9.57 -37.12
CA SER A 188 -5.94 9.79 -38.12
C SER A 188 -6.39 8.48 -38.76
N LEU A 189 -5.45 7.55 -38.97
CA LEU A 189 -5.80 6.27 -39.54
C LEU A 189 -6.57 5.40 -38.54
N PHE A 190 -6.30 5.58 -37.25
CA PHE A 190 -7.00 4.80 -36.23
C PHE A 190 -8.45 5.26 -36.10
N LEU A 191 -8.71 6.55 -36.27
CA LEU A 191 -10.08 7.05 -36.14
C LEU A 191 -10.94 6.59 -37.31
N VAL A 192 -10.35 6.46 -38.50
CA VAL A 192 -11.10 6.00 -39.66
C VAL A 192 -11.47 4.53 -39.51
N LEU A 193 -10.54 3.72 -39.02
CA LEU A 193 -10.79 2.28 -38.91
C LEU A 193 -11.80 1.96 -37.82
N VAL A 194 -11.88 2.82 -36.80
CA VAL A 194 -12.90 2.62 -35.76
C VAL A 194 -14.29 2.91 -36.31
N VAL A 195 -14.41 3.98 -37.11
CA VAL A 195 -15.70 4.34 -37.70
C VAL A 195 -16.18 3.27 -38.66
N LEU A 196 -15.26 2.74 -39.48
CA LEU A 196 -15.64 1.70 -40.44
C LEU A 196 -16.00 0.40 -39.74
N SER A 197 -15.38 0.12 -38.59
CA SER A 197 -15.72 -1.09 -37.85
C SER A 197 -17.04 -0.95 -37.12
N SER A 198 -17.34 0.25 -36.60
CA SER A 198 -18.58 0.46 -35.87
C SER A 198 -19.78 0.45 -36.80
N LEU A 199 -19.61 0.98 -38.02
CA LEU A 199 -20.69 0.94 -39.00
C LEU A 199 -21.02 -0.49 -39.41
N GLY A 200 -19.99 -1.32 -39.62
CA GLY A 200 -20.23 -2.68 -40.05
C GLY A 200 -20.69 -3.60 -38.94
N GLU A 201 -20.42 -3.22 -37.68
CA GLU A 201 -20.82 -4.05 -36.56
C GLU A 201 -22.33 -4.03 -36.36
N MET A 202 -22.95 -2.88 -36.57
CA MET A 202 -24.41 -2.75 -36.45
C MET A 202 -24.98 -3.23 -37.79
N ALA A 203 -25.10 -4.54 -37.91
CA ALA A 203 -25.66 -5.16 -39.09
C ALA A 203 -26.68 -6.23 -38.78
N ILE A 204 -26.54 -6.92 -37.65
CA ILE A 204 -27.38 -8.06 -37.31
C ILE A 204 -28.78 -7.63 -36.85
N PRO A 205 -28.96 -6.65 -35.94
CA PRO A 205 -30.33 -6.17 -35.70
C PRO A 205 -30.92 -5.46 -36.89
N PHE A 206 -30.09 -4.83 -37.71
CA PHE A 206 -30.60 -4.03 -38.83
C PHE A 206 -31.01 -4.94 -39.99
N PHE A 207 -30.52 -6.19 -40.00
CA PHE A 207 -30.94 -7.13 -41.03
C PHE A 207 -31.93 -8.15 -40.49
N THR A 208 -32.10 -8.24 -39.17
CA THR A 208 -33.13 -9.08 -38.60
C THR A 208 -34.52 -8.54 -38.95
N GLY A 209 -34.66 -7.21 -38.96
CA GLY A 209 -35.97 -6.60 -39.17
C GLY A 209 -36.54 -6.82 -40.56
N ARG A 210 -35.70 -6.74 -41.60
CA ARG A 210 -36.23 -6.89 -42.95
C ARG A 210 -36.58 -8.34 -43.26
N LEU A 211 -35.72 -9.28 -42.85
CA LEU A 211 -35.93 -10.68 -43.17
C LEU A 211 -37.17 -11.22 -42.48
N THR A 212 -37.40 -10.81 -41.24
CA THR A 212 -38.62 -11.18 -40.53
C THR A 212 -39.85 -10.56 -41.20
N ASP A 213 -39.75 -9.31 -41.63
CA ASP A 213 -40.84 -8.67 -42.36
C ASP A 213 -41.05 -9.31 -43.72
N TRP A 214 -39.97 -9.82 -44.34
CA TRP A 214 -40.09 -10.37 -45.69
C TRP A 214 -40.88 -11.68 -45.68
N ILE A 215 -40.74 -12.48 -44.63
CA ILE A 215 -41.51 -13.71 -44.53
C ILE A 215 -42.98 -13.40 -44.27
N LEU A 216 -43.24 -12.47 -43.34
CA LEU A 216 -44.61 -12.09 -43.00
C LEU A 216 -45.32 -11.36 -44.14
N GLN A 217 -44.56 -10.77 -45.07
CA GLN A 217 -45.12 -10.20 -46.28
C GLN A 217 -45.24 -11.22 -47.41
N ASP A 218 -44.79 -12.46 -47.17
CA ASP A 218 -44.80 -13.55 -48.15
C ASP A 218 -44.06 -13.15 -49.43
N GLY A 219 -42.82 -12.70 -49.27
CA GLY A 219 -42.01 -12.25 -50.37
C GLY A 219 -41.29 -13.38 -51.07
N SER A 220 -40.46 -13.00 -52.03
CA SER A 220 -39.71 -13.95 -52.84
C SER A 220 -38.55 -14.54 -52.05
N ALA A 221 -38.02 -15.66 -52.57
CA ALA A 221 -36.90 -16.35 -51.96
C ALA A 221 -35.58 -16.09 -52.67
N ASP A 222 -35.55 -15.16 -53.61
CA ASP A 222 -34.32 -14.82 -54.32
C ASP A 222 -33.45 -13.83 -53.55
N THR A 223 -33.93 -13.32 -52.42
CA THR A 223 -33.17 -12.38 -51.60
C THR A 223 -32.56 -13.05 -50.38
N PHE A 224 -33.17 -14.14 -49.89
CA PHE A 224 -32.68 -14.81 -48.69
C PHE A 224 -31.31 -15.45 -48.89
N THR A 225 -31.02 -15.92 -50.10
CA THR A 225 -29.70 -16.44 -50.40
C THR A 225 -28.64 -15.35 -50.51
N ARG A 226 -29.05 -14.08 -50.61
CA ARG A 226 -28.12 -12.98 -50.72
C ARG A 226 -28.09 -12.06 -49.51
N ASN A 227 -29.22 -11.91 -48.81
CA ASN A 227 -29.26 -10.99 -47.67
C ASN A 227 -28.49 -11.54 -46.48
N LEU A 228 -28.53 -12.86 -46.28
CA LEU A 228 -27.74 -13.47 -45.22
C LEU A 228 -26.25 -13.43 -45.56
N THR A 229 -25.92 -13.54 -46.84
CA THR A 229 -24.51 -13.49 -47.25
C THR A 229 -23.94 -12.09 -47.07
N LEU A 230 -24.75 -11.07 -47.36
CA LEU A 230 -24.27 -9.70 -47.23
C LEU A 230 -24.10 -9.32 -45.77
N MET A 231 -25.03 -9.76 -44.93
CA MET A 231 -24.99 -9.39 -43.52
C MET A 231 -23.84 -10.09 -42.79
N SER A 232 -23.38 -11.23 -43.31
CA SER A 232 -22.26 -11.92 -42.68
C SER A 232 -20.94 -11.33 -43.13
N ILE A 233 -20.89 -10.79 -44.35
CA ILE A 233 -19.66 -10.16 -44.86
C ILE A 233 -19.38 -8.87 -44.11
N LEU A 234 -20.43 -8.12 -43.78
CA LEU A 234 -20.26 -6.81 -43.15
C LEU A 234 -19.65 -6.91 -41.76
N THR A 235 -20.20 -7.80 -40.92
CA THR A 235 -19.69 -7.90 -39.56
C THR A 235 -18.34 -8.63 -39.51
N ILE A 236 -18.06 -9.49 -40.49
CA ILE A 236 -16.72 -10.07 -40.61
C ILE A 236 -15.70 -8.97 -40.92
N ALA A 237 -16.05 -8.07 -41.84
CA ALA A 237 -15.17 -6.95 -42.14
C ALA A 237 -15.08 -5.99 -40.95
N SER A 238 -16.12 -5.95 -40.12
CA SER A 238 -16.06 -5.12 -38.92
C SER A 238 -15.20 -5.76 -37.85
N ALA A 239 -15.08 -7.08 -37.85
CA ALA A 239 -14.24 -7.75 -36.87
C ALA A 239 -12.76 -7.58 -37.19
N VAL A 240 -12.41 -7.65 -38.48
CA VAL A 240 -11.01 -7.51 -38.88
C VAL A 240 -10.53 -6.08 -38.70
N LEU A 241 -11.36 -5.10 -39.10
CA LEU A 241 -10.97 -3.71 -38.98
C LEU A 241 -10.88 -3.26 -37.53
N GLU A 242 -11.62 -3.93 -36.64
CA GLU A 242 -11.43 -3.71 -35.21
C GLU A 242 -10.07 -4.25 -34.77
N PHE A 243 -9.68 -5.42 -35.28
CA PHE A 243 -8.40 -6.01 -34.92
C PHE A 243 -7.23 -5.20 -35.48
N VAL A 244 -7.37 -4.68 -36.70
CA VAL A 244 -6.33 -3.85 -37.28
C VAL A 244 -6.23 -2.51 -36.54
N GLY A 245 -7.38 -1.90 -36.23
CA GLY A 245 -7.37 -0.64 -35.51
C GLY A 245 -6.84 -0.76 -34.10
N ASP A 246 -7.18 -1.87 -33.42
CA ASP A 246 -6.65 -2.10 -32.08
C ASP A 246 -5.16 -2.44 -32.14
N GLY A 247 -4.71 -3.03 -33.25
CA GLY A 247 -3.29 -3.31 -33.40
C GLY A 247 -2.46 -2.06 -33.56
N ILE A 248 -2.97 -1.07 -34.32
CA ILE A 248 -2.23 0.16 -34.54
C ILE A 248 -2.18 1.00 -33.26
N TYR A 249 -3.30 1.09 -32.55
CA TYR A 249 -3.34 1.91 -31.34
C TYR A 249 -2.48 1.34 -30.23
N ASN A 250 -2.38 0.02 -30.14
CA ASN A 250 -1.52 -0.58 -29.13
C ASN A 250 -0.05 -0.44 -29.49
N ASN A 251 0.25 -0.34 -30.79
CA ASN A 251 1.64 -0.17 -31.22
C ASN A 251 2.12 1.25 -30.98
N THR A 252 1.26 2.24 -31.23
CA THR A 252 1.67 3.64 -31.12
C THR A 252 1.80 4.06 -29.66
N MET A 253 0.86 3.63 -28.81
CA MET A 253 0.95 3.92 -27.38
C MET A 253 2.16 3.27 -26.74
N GLY A 254 2.62 2.15 -27.29
CA GLY A 254 3.83 1.54 -26.77
C GLY A 254 5.06 2.39 -27.04
N HIS A 255 5.14 3.01 -28.21
CA HIS A 255 6.27 3.87 -28.53
C HIS A 255 6.21 5.17 -27.73
N VAL A 256 5.01 5.65 -27.43
CA VAL A 256 4.86 6.86 -26.63
C VAL A 256 5.30 6.61 -25.19
N HIS A 257 4.89 5.46 -24.63
CA HIS A 257 5.27 5.12 -23.26
C HIS A 257 6.77 4.91 -23.13
N SER A 258 7.40 4.30 -24.14
CA SER A 258 8.85 4.11 -24.11
C SER A 258 9.58 5.43 -24.27
N HIS A 259 9.02 6.36 -25.04
CA HIS A 259 9.65 7.66 -25.23
C HIS A 259 9.53 8.53 -23.99
N LEU A 260 8.36 8.48 -23.33
CA LEU A 260 8.13 9.34 -22.16
C LEU A 260 8.97 8.90 -20.98
N GLN A 261 9.16 7.58 -20.80
CA GLN A 261 9.95 7.09 -19.69
C GLN A 261 11.43 7.44 -19.86
N GLY A 262 11.92 7.45 -21.10
CA GLY A 262 13.31 7.81 -21.33
C GLY A 262 13.60 9.28 -21.07
N GLU A 263 12.69 10.16 -21.49
CA GLU A 263 12.94 11.59 -21.34
C GLU A 263 12.76 12.07 -19.92
N VAL A 264 11.89 11.42 -19.13
CA VAL A 264 11.76 11.80 -17.74
C VAL A 264 12.94 11.27 -16.93
N PHE A 265 13.63 10.24 -17.43
CA PHE A 265 14.84 9.75 -16.76
C PHE A 265 16.01 10.71 -16.98
N GLY A 266 16.16 11.23 -18.21
CA GLY A 266 17.27 12.12 -18.50
C GLY A 266 17.11 13.48 -17.86
N ALA A 267 15.88 13.88 -17.55
CA ALA A 267 15.67 15.15 -16.85
C ALA A 267 16.03 15.03 -15.37
N VAL A 268 15.98 13.82 -14.82
CA VAL A 268 16.29 13.63 -13.41
C VAL A 268 17.78 13.82 -13.16
N LEU A 269 18.63 13.26 -14.02
CA LEU A 269 20.06 13.30 -13.79
C LEU A 269 20.68 14.65 -14.12
N ARG A 270 19.95 15.57 -14.76
CA ARG A 270 20.49 16.86 -15.11
C ARG A 270 20.46 17.86 -13.97
N GLN A 271 19.82 17.52 -12.86
CA GLN A 271 19.77 18.41 -11.71
C GLN A 271 21.08 18.34 -10.93
N GLU A 272 21.26 19.29 -10.02
CA GLU A 272 22.46 19.33 -9.20
C GLU A 272 22.41 18.23 -8.13
N THR A 273 23.58 17.93 -7.57
CA THR A 273 23.69 16.92 -6.53
C THR A 273 23.11 17.36 -5.19
N GLU A 274 22.76 18.64 -5.05
CA GLU A 274 22.12 19.11 -3.83
C GLU A 274 20.73 18.51 -3.69
N PHE A 275 20.03 18.31 -4.81
CA PHE A 275 18.66 17.81 -4.81
C PHE A 275 18.55 16.38 -4.28
N PHE A 276 19.61 15.58 -4.41
CA PHE A 276 19.54 14.18 -4.03
C PHE A 276 19.79 13.98 -2.52
N GLN A 277 20.96 14.41 -2.04
CA GLN A 277 21.33 14.45 -0.62
C GLN A 277 21.32 13.07 0.05
N GLN A 278 21.34 11.99 -0.75
CA GLN A 278 21.32 10.60 -0.28
C GLN A 278 20.12 10.29 0.61
N ASN A 279 19.02 11.03 0.42
CA ASN A 279 17.80 10.82 1.19
C ASN A 279 16.54 10.75 0.33
N GLN A 280 16.56 11.28 -0.89
CA GLN A 280 15.43 11.18 -1.81
C GLN A 280 15.50 9.93 -2.68
N THR A 281 16.15 8.86 -2.21
CA THR A 281 16.28 7.63 -2.97
C THR A 281 14.93 6.95 -3.21
N GLY A 282 14.01 7.07 -2.25
CA GLY A 282 12.72 6.43 -2.40
C GLY A 282 11.69 7.25 -3.16
N ASN A 283 11.70 8.57 -2.95
CA ASN A 283 10.68 9.41 -3.58
C ASN A 283 10.98 9.65 -5.06
N ILE A 284 12.26 9.72 -5.43
CA ILE A 284 12.63 9.93 -6.83
C ILE A 284 12.27 8.70 -7.65
N MET A 285 12.57 7.51 -7.12
CA MET A 285 12.34 6.28 -7.87
C MET A 285 10.86 5.97 -8.02
N SER A 286 10.06 6.34 -7.01
CA SER A 286 8.61 6.19 -7.13
C SER A 286 8.04 7.13 -8.17
N ARG A 287 8.73 8.24 -8.43
CA ARG A 287 8.27 9.21 -9.42
C ARG A 287 8.72 8.83 -10.83
N VAL A 288 9.84 8.09 -10.94
CA VAL A 288 10.34 7.71 -12.26
C VAL A 288 9.80 6.35 -12.70
N THR A 289 9.87 5.35 -11.82
CA THR A 289 9.53 3.98 -12.21
C THR A 289 8.04 3.68 -12.01
N GLU A 290 7.55 3.84 -10.78
CA GLU A 290 6.20 3.38 -10.45
C GLU A 290 5.11 4.23 -11.09
N ASP A 291 5.15 5.54 -10.90
CA ASP A 291 4.06 6.38 -11.40
C ASP A 291 3.94 6.45 -12.90
N THR A 292 5.06 6.52 -13.60
CA THR A 292 5.02 6.69 -15.05
C THR A 292 4.36 5.50 -15.74
N SER A 293 4.70 4.28 -15.31
CA SER A 293 4.12 3.09 -15.93
C SER A 293 2.63 2.95 -15.62
N THR A 294 2.24 3.31 -14.39
CA THR A 294 0.83 3.21 -14.02
C THR A 294 0.00 4.29 -14.69
N LEU A 295 0.58 5.46 -14.93
CA LEU A 295 -0.14 6.54 -15.61
C LEU A 295 -0.38 6.20 -17.08
N SER A 296 0.64 5.66 -17.75
CA SER A 296 0.50 5.34 -19.17
C SER A 296 -0.41 4.14 -19.40
N ASP A 297 -0.43 3.21 -18.44
CA ASP A 297 -1.33 2.06 -18.55
C ASP A 297 -2.78 2.48 -18.36
N SER A 298 -3.03 3.44 -17.47
CA SER A 298 -4.40 3.95 -17.28
C SER A 298 -4.84 4.77 -18.48
N LEU A 299 -3.92 5.51 -19.10
CA LEU A 299 -4.27 6.31 -20.26
C LEU A 299 -4.54 5.43 -21.48
N SER A 300 -3.73 4.39 -21.67
CA SER A 300 -3.85 3.56 -22.86
C SER A 300 -5.08 2.67 -22.84
N GLU A 301 -5.63 2.38 -21.66
CA GLU A 301 -6.81 1.52 -21.58
C GLU A 301 -8.09 2.33 -21.56
N ASN A 302 -8.12 3.42 -20.78
CA ASN A 302 -9.34 4.19 -20.63
C ASN A 302 -9.67 5.01 -21.87
N LEU A 303 -8.65 5.59 -22.50
CA LEU A 303 -8.88 6.36 -23.73
C LEU A 303 -9.30 5.44 -24.87
N SER A 304 -8.80 4.21 -24.89
CA SER A 304 -9.20 3.25 -25.91
C SER A 304 -10.67 2.86 -25.74
N LEU A 305 -11.09 2.62 -24.49
CA LEU A 305 -12.48 2.23 -24.26
C LEU A 305 -13.42 3.41 -24.42
N PHE A 306 -12.97 4.62 -24.08
CA PHE A 306 -13.83 5.79 -24.24
C PHE A 306 -14.03 6.15 -25.70
N LEU A 307 -13.00 5.94 -26.53
CA LEU A 307 -13.12 6.25 -27.95
C LEU A 307 -13.92 5.18 -28.69
N TRP A 308 -13.83 3.94 -28.24
CA TRP A 308 -14.56 2.85 -28.91
C TRP A 308 -16.06 2.96 -28.66
N TYR A 309 -16.46 3.33 -27.43
CA TYR A 309 -17.88 3.33 -27.10
C TYR A 309 -18.55 4.65 -27.46
N LEU A 310 -17.78 5.74 -27.59
CA LEU A 310 -18.37 6.99 -28.03
C LEU A 310 -18.78 6.91 -29.50
N VAL A 311 -17.98 6.23 -30.32
CA VAL A 311 -18.33 6.06 -31.72
C VAL A 311 -19.54 5.13 -31.87
N ARG A 312 -19.57 4.07 -31.07
CA ARG A 312 -20.71 3.15 -31.10
C ARG A 312 -21.98 3.83 -30.60
N GLY A 313 -21.86 4.68 -29.57
CA GLY A 313 -23.01 5.43 -29.12
C GLY A 313 -23.48 6.45 -30.14
N LEU A 314 -22.56 7.05 -30.88
CA LEU A 314 -22.94 8.04 -31.89
C LEU A 314 -23.53 7.37 -33.13
N CYS A 315 -23.00 6.20 -33.50
CA CYS A 315 -23.50 5.52 -34.69
C CYS A 315 -24.90 4.96 -34.47
N LEU A 316 -25.17 4.45 -33.27
CA LEU A 316 -26.50 3.94 -32.96
C LEU A 316 -27.53 5.06 -32.93
N LEU A 317 -27.15 6.21 -32.39
CA LEU A 317 -28.04 7.37 -32.36
C LEU A 317 -28.27 7.93 -33.76
N GLY A 318 -27.28 7.77 -34.64
CA GLY A 318 -27.45 8.20 -36.01
C GLY A 318 -28.47 7.38 -36.77
N ILE A 319 -28.51 6.07 -36.50
CA ILE A 319 -29.43 5.19 -37.19
C ILE A 319 -30.78 5.08 -36.49
N MET A 320 -30.85 5.40 -35.20
CA MET A 320 -32.14 5.42 -34.51
C MET A 320 -32.98 6.61 -34.94
N LEU A 321 -32.34 7.68 -35.41
CA LEU A 321 -33.07 8.78 -36.02
C LEU A 321 -33.67 8.37 -37.37
N TRP A 322 -33.01 7.46 -38.07
CA TRP A 322 -33.49 7.00 -39.37
C TRP A 322 -34.70 6.10 -39.21
N GLY A 323 -34.64 5.16 -38.27
CA GLY A 323 -35.74 4.20 -38.11
C GLY A 323 -37.02 4.84 -37.61
N SER A 324 -36.89 5.83 -36.74
CA SER A 324 -38.06 6.55 -36.24
C SER A 324 -37.64 7.96 -35.85
N VAL A 325 -38.62 8.86 -35.83
CA VAL A 325 -38.39 10.23 -35.40
C VAL A 325 -39.11 10.56 -34.10
N SER A 326 -40.05 9.71 -33.66
CA SER A 326 -40.77 9.91 -32.42
C SER A 326 -40.21 9.08 -31.27
N LEU A 327 -39.92 7.79 -31.52
CA LEU A 327 -39.39 6.93 -30.48
C LEU A 327 -37.97 7.30 -30.08
N THR A 328 -37.17 7.79 -31.03
CA THR A 328 -35.83 8.24 -30.68
C THR A 328 -35.85 9.54 -29.90
N MET A 329 -36.97 10.29 -29.96
CA MET A 329 -37.10 11.46 -29.10
C MET A 329 -37.48 11.06 -27.69
N VAL A 330 -38.16 9.93 -27.53
CA VAL A 330 -38.58 9.48 -26.21
C VAL A 330 -37.39 9.00 -25.40
N THR A 331 -36.52 8.20 -26.01
CA THR A 331 -35.39 7.65 -25.26
C THR A 331 -34.33 8.69 -24.97
N LEU A 332 -34.27 9.77 -25.76
CA LEU A 332 -33.36 10.86 -25.44
C LEU A 332 -33.92 11.75 -24.32
N ILE A 333 -35.24 11.87 -24.24
CA ILE A 333 -35.85 12.68 -23.18
C ILE A 333 -35.69 12.00 -21.83
N THR A 334 -35.93 10.68 -21.78
CA THR A 334 -35.87 9.95 -20.51
C THR A 334 -34.47 9.44 -20.19
N LEU A 335 -33.49 9.69 -21.05
CA LEU A 335 -32.11 9.32 -20.71
C LEU A 335 -31.54 10.08 -19.52
N PRO A 336 -31.71 11.42 -19.36
CA PRO A 336 -31.29 12.04 -18.09
C PRO A 336 -32.07 11.54 -16.89
N LEU A 337 -33.30 11.06 -17.08
CA LEU A 337 -34.04 10.45 -15.97
C LEU A 337 -33.38 9.16 -15.51
N LEU A 338 -32.74 8.44 -16.41
CA LEU A 338 -32.12 7.16 -16.06
C LEU A 338 -30.82 7.35 -15.28
N PHE A 339 -30.08 8.42 -15.56
CA PHE A 339 -28.71 8.56 -15.08
C PHE A 339 -28.51 9.83 -14.24
N LEU A 340 -29.57 10.30 -13.61
CA LEU A 340 -29.42 11.38 -12.65
C LEU A 340 -30.03 11.06 -11.29
N LEU A 341 -31.16 10.37 -11.27
CA LEU A 341 -31.76 9.93 -10.01
C LEU A 341 -30.92 8.92 -9.22
N PRO A 342 -30.34 7.86 -9.82
CA PRO A 342 -29.50 6.97 -8.99
C PRO A 342 -28.27 7.63 -8.39
N LYS A 343 -27.76 8.70 -9.02
CA LYS A 343 -26.65 9.44 -8.42
C LYS A 343 -27.08 10.19 -7.18
N LYS A 344 -28.29 10.78 -7.21
CA LYS A 344 -28.74 11.60 -6.08
C LYS A 344 -29.04 10.77 -4.85
N VAL A 345 -29.77 9.66 -5.00
CA VAL A 345 -30.01 8.80 -3.86
C VAL A 345 -28.73 8.09 -3.43
N GLY A 346 -27.82 7.86 -4.37
CA GLY A 346 -26.51 7.32 -4.01
C GLY A 346 -25.73 8.28 -3.14
N LYS A 347 -25.93 9.58 -3.33
CA LYS A 347 -25.29 10.57 -2.47
C LYS A 347 -25.84 10.49 -1.04
N TRP A 348 -27.09 10.04 -0.89
CA TRP A 348 -27.63 9.85 0.44
C TRP A 348 -27.06 8.59 1.09
N TYR A 349 -26.49 7.67 0.29
CA TYR A 349 -26.12 6.37 0.85
C TYR A 349 -24.81 6.46 1.63
N GLN A 350 -23.74 6.98 1.02
CA GLN A 350 -22.51 7.08 1.77
C GLN A 350 -22.42 8.33 2.63
N LEU A 351 -23.41 9.22 2.56
CA LEU A 351 -23.55 10.26 3.57
C LEU A 351 -23.84 9.66 4.93
N LEU A 352 -24.66 8.60 4.95
CA LEU A 352 -24.92 7.90 6.20
C LEU A 352 -23.86 6.84 6.49
N GLU A 353 -23.18 6.34 5.46
CA GLU A 353 -22.10 5.38 5.66
C GLU A 353 -20.83 6.05 6.16
N VAL A 354 -20.69 7.37 5.99
CA VAL A 354 -19.59 8.11 6.59
C VAL A 354 -19.68 8.05 8.10
N GLN A 355 -20.90 8.24 8.64
CA GLN A 355 -21.08 8.21 10.08
C GLN A 355 -20.89 6.82 10.66
N VAL A 356 -21.22 5.78 9.89
CA VAL A 356 -20.98 4.41 10.34
C VAL A 356 -19.49 4.12 10.38
N ARG A 357 -18.76 4.52 9.34
CA ARG A 357 -17.31 4.33 9.31
C ARG A 357 -16.61 5.16 10.38
N GLU A 358 -17.12 6.38 10.63
CA GLU A 358 -16.57 7.22 11.68
C GLU A 358 -16.80 6.60 13.06
N SER A 359 -17.98 6.02 13.28
CA SER A 359 -18.27 5.41 14.58
C SER A 359 -17.53 4.09 14.76
N LEU A 360 -17.20 3.41 13.66
CA LEU A 360 -16.40 2.19 13.75
C LEU A 360 -14.97 2.50 14.16
N ALA A 361 -14.42 3.61 13.67
CA ALA A 361 -13.06 3.99 14.05
C ALA A 361 -13.01 4.48 15.48
N LYS A 362 -14.06 5.15 15.95
CA LYS A 362 -14.09 5.64 17.32
C LYS A 362 -14.20 4.51 18.32
N SER A 363 -14.93 3.44 17.96
CA SER A 363 -15.04 2.29 18.86
C SER A 363 -13.73 1.52 18.95
N SER A 364 -12.98 1.47 17.84
CA SER A 364 -11.70 0.76 17.85
C SER A 364 -10.65 1.52 18.63
N GLN A 365 -10.76 2.85 18.67
CA GLN A 365 -9.79 3.65 19.42
C GLN A 365 -9.98 3.48 20.93
N VAL A 366 -11.22 3.27 21.37
CA VAL A 366 -11.47 3.03 22.79
C VAL A 366 -10.93 1.67 23.21
N ALA A 367 -11.16 0.64 22.38
CA ALA A 367 -10.69 -0.70 22.71
C ALA A 367 -9.17 -0.78 22.69
N ILE A 368 -8.53 -0.06 21.77
CA ILE A 368 -7.06 -0.06 21.70
C ILE A 368 -6.48 0.65 22.92
N GLU A 369 -7.10 1.77 23.33
CA GLU A 369 -6.61 2.50 24.50
C GLU A 369 -6.79 1.68 25.78
N ALA A 370 -7.83 0.86 25.85
CA ALA A 370 -8.04 0.04 27.03
C ALA A 370 -7.17 -1.22 27.00
N LEU A 371 -6.54 -1.52 25.86
CA LEU A 371 -5.73 -2.72 25.73
C LEU A 371 -4.23 -2.45 25.88
N SER A 372 -3.78 -1.22 25.58
CA SER A 372 -2.36 -0.91 25.69
C SER A 372 -1.90 -0.77 27.14
N ALA A 373 -2.83 -0.56 28.07
CA ALA A 373 -2.53 -0.47 29.50
C ALA A 373 -2.93 -1.73 30.24
N MET A 374 -2.69 -2.88 29.60
CA MET A 374 -3.10 -4.18 30.15
C MET A 374 -2.57 -4.50 31.55
N PRO A 375 -1.31 -4.21 31.93
CA PRO A 375 -0.93 -4.43 33.34
C PRO A 375 -1.74 -3.62 34.34
N THR A 376 -2.20 -2.42 33.96
CA THR A 376 -3.09 -1.67 34.84
C THR A 376 -4.47 -2.30 34.89
N VAL A 377 -4.96 -2.81 33.75
CA VAL A 377 -6.26 -3.48 33.72
C VAL A 377 -6.19 -4.79 34.49
N ARG A 378 -5.11 -5.57 34.29
CA ARG A 378 -5.00 -6.88 34.95
C ARG A 378 -4.80 -6.73 36.44
N SER A 379 -4.17 -5.64 36.88
CA SER A 379 -3.94 -5.45 38.31
C SER A 379 -5.23 -5.16 39.06
N PHE A 380 -6.19 -4.49 38.41
CA PHE A 380 -7.44 -4.12 39.05
C PHE A 380 -8.59 -5.07 38.75
N ALA A 381 -8.42 -5.95 37.75
CA ALA A 381 -9.38 -7.00 37.37
C ALA A 381 -10.74 -6.40 37.02
N ASN A 382 -10.72 -5.59 35.95
CA ASN A 382 -11.92 -4.91 35.47
C ASN A 382 -12.13 -5.17 33.99
N GLU A 383 -12.03 -6.45 33.58
CA GLU A 383 -12.28 -6.79 32.19
C GLU A 383 -13.76 -6.67 31.83
N GLU A 384 -14.65 -6.85 32.80
CA GLU A 384 -16.08 -6.68 32.53
C GLU A 384 -16.44 -5.22 32.28
N GLY A 385 -15.71 -4.29 32.89
CA GLY A 385 -15.93 -2.88 32.59
C GLY A 385 -15.53 -2.52 31.17
N GLU A 386 -14.46 -3.14 30.67
CA GLU A 386 -14.03 -2.89 29.30
C GLU A 386 -14.94 -3.60 28.30
N ALA A 387 -15.53 -4.74 28.70
CA ALA A 387 -16.47 -5.42 27.82
C ALA A 387 -17.76 -4.62 27.69
N GLN A 388 -18.19 -3.96 28.76
CA GLN A 388 -19.40 -3.14 28.69
C GLN A 388 -19.14 -1.83 27.97
N LYS A 389 -17.93 -1.28 28.09
CA LYS A 389 -17.59 -0.06 27.37
C LYS A 389 -17.51 -0.32 25.87
N PHE A 390 -17.02 -1.50 25.48
CA PHE A 390 -16.98 -1.86 24.06
C PHE A 390 -18.38 -2.12 23.53
N ARG A 391 -19.26 -2.69 24.36
CA ARG A 391 -20.60 -3.03 23.90
C ARG A 391 -21.48 -1.81 23.70
N GLU A 392 -21.22 -0.73 24.45
CA GLU A 392 -22.04 0.48 24.32
C GLU A 392 -21.87 1.13 22.96
N LYS A 393 -20.64 1.12 22.42
CA LYS A 393 -20.40 1.70 21.11
C LYS A 393 -20.99 0.82 20.01
N LEU A 394 -21.08 -0.49 20.25
CA LEU A 394 -21.61 -1.38 19.23
C LEU A 394 -23.14 -1.27 19.13
N GLN A 395 -23.80 -0.98 20.26
CA GLN A 395 -25.25 -0.79 20.21
C GLN A 395 -25.62 0.51 19.53
N GLU A 396 -24.80 1.55 19.68
CA GLU A 396 -25.05 2.79 18.96
C GLU A 396 -24.81 2.62 17.46
N ILE A 397 -23.83 1.78 17.10
CA ILE A 397 -23.59 1.48 15.69
C ILE A 397 -24.74 0.65 15.12
N LYS A 398 -25.27 -0.28 15.91
CA LYS A 398 -26.36 -1.13 15.45
C LYS A 398 -27.62 -0.33 15.16
N THR A 399 -27.83 0.77 15.88
CA THR A 399 -28.92 1.68 15.55
C THR A 399 -28.69 2.36 14.21
N LEU A 400 -27.44 2.75 13.93
CA LEU A 400 -27.16 3.58 12.76
C LEU A 400 -27.23 2.81 11.45
N ASN A 401 -26.74 1.56 11.43
CA ASN A 401 -26.71 0.82 10.17
C ASN A 401 -28.07 0.26 9.78
N GLN A 402 -29.03 0.25 10.71
CA GLN A 402 -30.40 -0.11 10.34
C GLN A 402 -30.98 0.91 9.39
N LYS A 403 -30.62 2.18 9.57
CA LYS A 403 -31.01 3.21 8.60
C LYS A 403 -30.19 3.09 7.32
N GLU A 404 -29.02 2.47 7.39
CA GLU A 404 -28.20 2.28 6.19
C GLU A 404 -28.81 1.23 5.27
N ALA A 405 -29.35 0.14 5.86
CA ALA A 405 -29.98 -0.89 5.06
C ALA A 405 -31.27 -0.41 4.42
N VAL A 406 -31.97 0.52 5.08
CA VAL A 406 -33.15 1.12 4.48
C VAL A 406 -32.77 2.02 3.32
N ALA A 407 -31.68 2.77 3.46
CA ALA A 407 -31.23 3.67 2.40
C ALA A 407 -30.78 3.00 1.12
N TYR A 408 -30.15 1.83 1.23
CA TYR A 408 -29.77 1.07 0.04
C TYR A 408 -30.97 0.38 -0.61
N ALA A 409 -31.97 0.03 0.20
CA ALA A 409 -33.16 -0.62 -0.31
C ALA A 409 -33.89 0.38 -1.19
N VAL A 410 -33.93 1.64 -0.76
CA VAL A 410 -34.53 2.68 -1.60
C VAL A 410 -33.65 2.95 -2.83
N ASN A 411 -32.33 2.99 -2.63
CA ASN A 411 -31.41 3.25 -3.73
C ASN A 411 -31.43 2.12 -4.76
N SER A 412 -31.48 0.87 -4.31
CA SER A 412 -31.49 -0.26 -5.24
C SER A 412 -32.83 -0.39 -5.94
N TRP A 413 -33.90 0.14 -5.33
CA TRP A 413 -35.21 0.08 -5.97
C TRP A 413 -35.32 1.08 -7.11
N THR A 414 -34.80 2.29 -6.93
CA THR A 414 -35.00 3.34 -7.92
C THR A 414 -34.06 3.25 -9.11
N THR A 415 -33.00 2.44 -9.05
CA THR A 415 -32.18 2.22 -10.22
C THR A 415 -32.70 1.09 -11.08
N SER A 416 -33.69 0.34 -10.60
CA SER A 416 -34.25 -0.79 -11.32
C SER A 416 -35.66 -0.55 -11.83
N ILE A 417 -36.39 0.40 -11.25
CA ILE A 417 -37.73 0.69 -11.75
C ILE A 417 -37.66 1.61 -12.96
N SER A 418 -36.69 2.52 -12.98
CA SER A 418 -36.56 3.44 -14.11
C SER A 418 -36.07 2.73 -15.36
N GLY A 419 -35.21 1.71 -15.19
CA GLY A 419 -34.69 0.99 -16.33
C GLY A 419 -35.75 0.16 -17.04
N MET A 420 -36.62 -0.50 -16.29
CA MET A 420 -37.58 -1.40 -16.90
C MET A 420 -38.86 -0.69 -17.31
N LEU A 421 -39.19 0.44 -16.67
CA LEU A 421 -40.34 1.21 -17.13
C LEU A 421 -40.03 1.96 -18.42
N LEU A 422 -38.74 2.17 -18.70
CA LEU A 422 -38.33 2.78 -19.96
C LEU A 422 -38.65 1.86 -21.14
N LYS A 423 -38.48 0.55 -20.96
CA LYS A 423 -38.78 -0.40 -22.03
C LYS A 423 -40.28 -0.49 -22.26
N VAL A 424 -41.08 -0.32 -21.21
CA VAL A 424 -42.53 -0.34 -21.36
C VAL A 424 -43.01 0.87 -22.15
N GLY A 425 -42.47 2.05 -21.84
CA GLY A 425 -42.86 3.26 -22.56
C GLY A 425 -42.42 3.24 -24.02
N ILE A 426 -41.26 2.65 -24.30
CA ILE A 426 -40.80 2.51 -25.67
C ILE A 426 -41.73 1.59 -26.45
N LEU A 427 -42.13 0.48 -25.84
CA LEU A 427 -42.95 -0.50 -26.54
C LEU A 427 -44.39 0.01 -26.70
N TYR A 428 -44.92 0.71 -25.70
CA TYR A 428 -46.30 1.18 -25.78
C TYR A 428 -46.45 2.31 -26.79
N ILE A 429 -45.48 3.24 -26.82
CA ILE A 429 -45.51 4.30 -27.83
C ILE A 429 -45.28 3.70 -29.22
N GLY A 430 -44.39 2.71 -29.32
CA GLY A 430 -44.23 2.00 -30.58
C GLY A 430 -45.47 1.21 -30.95
N GLY A 431 -46.18 0.68 -29.96
CA GLY A 431 -47.44 0.00 -30.23
C GLY A 431 -48.50 0.93 -30.80
N GLN A 432 -48.52 2.17 -30.30
CA GLN A 432 -49.43 3.16 -30.85
C GLN A 432 -48.99 3.61 -32.24
N LEU A 433 -47.68 3.67 -32.48
CA LEU A 433 -47.17 4.18 -33.75
C LEU A 433 -47.32 3.16 -34.87
N VAL A 434 -47.15 1.87 -34.57
CA VAL A 434 -47.28 0.84 -35.59
C VAL A 434 -48.73 0.72 -36.05
N THR A 435 -49.67 0.72 -35.11
CA THR A 435 -51.08 0.58 -35.45
C THR A 435 -51.64 1.80 -36.18
N SER A 436 -50.93 2.92 -36.17
CA SER A 436 -51.35 4.08 -36.94
C SER A 436 -50.96 3.97 -38.41
N GLY A 437 -50.08 3.04 -38.74
CA GLY A 437 -49.62 2.85 -40.10
C GLY A 437 -48.31 3.53 -40.45
N ALA A 438 -47.59 4.07 -39.47
CA ALA A 438 -46.35 4.78 -39.76
C ALA A 438 -45.22 3.82 -40.11
N VAL A 439 -44.90 2.91 -39.20
CA VAL A 439 -43.83 1.94 -39.40
C VAL A 439 -44.41 0.54 -39.25
N SER A 440 -43.72 -0.44 -39.83
CA SER A 440 -44.15 -1.81 -39.77
C SER A 440 -43.71 -2.42 -38.44
N SER A 441 -44.13 -3.68 -38.21
CA SER A 441 -43.81 -4.34 -36.95
C SER A 441 -42.33 -4.72 -36.88
N GLY A 442 -41.73 -5.05 -38.03
CA GLY A 442 -40.33 -5.43 -38.03
C GLY A 442 -39.38 -4.28 -37.75
N ASN A 443 -39.81 -3.06 -38.04
CA ASN A 443 -38.98 -1.90 -37.70
C ASN A 443 -38.95 -1.67 -36.19
N LEU A 444 -39.98 -2.13 -35.48
CA LEU A 444 -39.98 -2.04 -34.02
C LEU A 444 -39.01 -3.07 -33.44
N VAL A 445 -38.79 -4.19 -34.14
CA VAL A 445 -37.85 -5.21 -33.67
C VAL A 445 -36.43 -4.67 -33.71
N THR A 446 -36.08 -3.91 -34.76
CA THR A 446 -34.77 -3.30 -34.82
C THR A 446 -34.61 -2.24 -33.73
N PHE A 447 -35.67 -1.51 -33.43
CA PHE A 447 -35.60 -0.46 -32.41
C PHE A 447 -35.51 -1.06 -31.01
N VAL A 448 -36.12 -2.22 -30.79
CA VAL A 448 -35.99 -2.91 -29.50
C VAL A 448 -34.57 -3.38 -29.30
N LEU A 449 -33.96 -3.97 -30.33
CA LEU A 449 -32.58 -4.44 -30.23
C LEU A 449 -31.58 -3.28 -30.17
N TYR A 450 -31.99 -2.08 -30.55
CA TYR A 450 -31.10 -0.93 -30.44
C TYR A 450 -31.17 -0.27 -29.07
N GLN A 451 -32.24 -0.54 -28.30
CA GLN A 451 -32.36 0.05 -26.97
C GLN A 451 -31.33 -0.53 -26.01
N MET A 452 -31.18 -1.86 -26.01
CA MET A 452 -30.28 -2.50 -25.07
C MET A 452 -28.82 -2.24 -25.44
N GLN A 453 -28.52 -2.10 -26.73
CA GLN A 453 -27.16 -1.79 -27.14
C GLN A 453 -26.80 -0.33 -26.84
N PHE A 454 -27.77 0.57 -26.98
CA PHE A 454 -27.49 1.98 -26.71
C PHE A 454 -27.40 2.26 -25.22
N THR A 455 -28.18 1.53 -24.41
CA THR A 455 -28.16 1.74 -22.98
C THR A 455 -26.82 1.31 -22.37
N GLN A 456 -26.32 0.14 -22.77
CA GLN A 456 -25.04 -0.32 -22.25
C GLN A 456 -23.88 0.51 -22.78
N ALA A 457 -24.04 1.08 -23.99
CA ALA A 457 -23.01 1.96 -24.54
C ALA A 457 -22.90 3.24 -23.74
N VAL A 458 -24.04 3.77 -23.27
CA VAL A 458 -24.01 4.94 -22.41
C VAL A 458 -23.46 4.59 -21.04
N GLU A 459 -23.86 3.42 -20.50
CA GLU A 459 -23.46 3.05 -19.14
C GLU A 459 -21.97 2.76 -19.04
N VAL A 460 -21.39 2.15 -20.07
CA VAL A 460 -19.94 1.93 -20.09
C VAL A 460 -19.19 3.25 -20.20
N LEU A 461 -19.75 4.19 -20.99
CA LEU A 461 -19.11 5.49 -21.18
C LEU A 461 -19.06 6.30 -19.89
N LEU A 462 -20.13 6.22 -19.08
CA LEU A 462 -20.15 6.98 -17.84
C LEU A 462 -19.22 6.41 -16.79
N SER A 463 -19.01 5.09 -16.79
CA SER A 463 -18.11 4.48 -15.81
C SER A 463 -16.64 4.75 -16.15
N ILE A 464 -16.33 4.95 -17.43
CA ILE A 464 -14.95 5.21 -17.83
C ILE A 464 -14.51 6.60 -17.38
N TYR A 465 -15.42 7.58 -17.44
CA TYR A 465 -15.08 8.98 -17.24
C TYR A 465 -14.41 9.34 -15.91
N PRO A 466 -14.76 8.77 -14.74
CA PRO A 466 -13.96 9.06 -13.55
C PRO A 466 -12.50 8.61 -13.63
N ARG A 467 -12.21 7.58 -14.43
CA ARG A 467 -10.83 7.08 -14.52
C ARG A 467 -9.94 8.05 -15.29
N VAL A 468 -10.41 8.54 -16.43
CA VAL A 468 -9.61 9.47 -17.23
C VAL A 468 -9.51 10.83 -16.54
N GLN A 469 -10.58 11.26 -15.85
CA GLN A 469 -10.57 12.57 -15.19
C GLN A 469 -9.52 12.62 -14.08
N LYS A 470 -9.40 11.56 -13.29
CA LYS A 470 -8.37 11.51 -12.25
C LYS A 470 -6.97 11.38 -12.85
N ALA A 471 -6.84 10.59 -13.92
CA ALA A 471 -5.52 10.31 -14.49
C ALA A 471 -4.92 11.51 -15.19
N VAL A 472 -5.76 12.39 -15.73
CA VAL A 472 -5.26 13.62 -16.36
C VAL A 472 -4.62 14.53 -15.32
N GLY A 473 -5.25 14.64 -14.15
CA GLY A 473 -4.67 15.44 -13.07
C GLY A 473 -3.37 14.87 -12.55
N SER A 474 -3.22 13.54 -12.57
CA SER A 474 -1.97 12.93 -12.16
C SER A 474 -0.86 13.21 -13.17
N SER A 475 -1.20 13.24 -14.46
CA SER A 475 -0.20 13.50 -15.50
C SER A 475 0.29 14.94 -15.45
N GLU A 476 -0.54 15.87 -14.96
CA GLU A 476 -0.12 17.26 -14.82
C GLU A 476 0.88 17.42 -13.69
N LYS A 477 0.85 16.50 -12.71
CA LYS A 477 1.82 16.54 -11.62
C LYS A 477 3.19 16.04 -12.09
N ILE A 478 3.22 15.03 -12.95
CA ILE A 478 4.48 14.57 -13.52
C ILE A 478 5.06 15.61 -14.47
N PHE A 479 4.20 16.25 -15.27
CA PHE A 479 4.67 17.20 -16.26
C PHE A 479 5.27 18.44 -15.61
N GLU A 480 4.77 18.85 -14.44
CA GLU A 480 5.39 19.97 -13.74
C GLU A 480 6.74 19.56 -13.15
N TYR A 481 6.90 18.27 -12.81
CA TYR A 481 8.18 17.77 -12.33
C TYR A 481 9.20 17.66 -13.46
N LEU A 482 8.74 17.56 -14.71
CA LEU A 482 9.65 17.38 -15.83
C LEU A 482 10.43 18.66 -16.11
N ASP A 483 9.82 19.83 -15.96
CA ASP A 483 10.45 21.10 -16.27
C ASP A 483 11.15 21.71 -15.05
N ARG A 484 11.58 20.90 -14.10
CA ARG A 484 12.34 21.39 -12.97
C ARG A 484 13.68 21.93 -13.44
N THR A 485 14.06 23.11 -12.94
CA THR A 485 15.31 23.65 -13.46
C THR A 485 16.45 23.46 -12.46
N PRO A 486 17.66 23.18 -12.92
CA PRO A 486 18.79 23.03 -12.01
C PRO A 486 19.38 24.39 -11.64
N ARG A 487 20.36 24.35 -10.72
CA ARG A 487 21.06 25.54 -10.29
C ARG A 487 22.51 25.60 -10.74
N CYS A 488 23.08 24.48 -11.18
CA CYS A 488 24.45 24.43 -11.65
C CYS A 488 24.54 24.90 -13.11
N PRO A 489 25.69 25.42 -13.53
CA PRO A 489 25.89 25.69 -14.95
C PRO A 489 25.89 24.42 -15.75
N PRO A 490 25.38 24.45 -17.00
CA PRO A 490 25.21 23.21 -17.77
C PRO A 490 26.51 22.52 -18.16
N SER A 491 27.39 23.21 -18.86
CA SER A 491 28.61 22.62 -19.42
C SER A 491 29.50 23.74 -19.93
N GLY A 492 30.61 23.36 -20.57
CA GLY A 492 31.52 24.28 -21.20
C GLY A 492 31.54 24.12 -22.71
N LEU A 493 32.50 24.82 -23.33
CA LEU A 493 32.56 24.85 -24.79
C LEU A 493 33.96 24.75 -25.39
N LEU A 494 34.99 24.72 -24.55
CA LEU A 494 36.35 24.71 -25.05
C LEU A 494 37.08 23.40 -24.80
N THR A 495 37.68 22.86 -25.86
CA THR A 495 38.45 21.62 -25.72
C THR A 495 39.89 21.89 -26.17
N PRO A 496 40.83 21.99 -25.25
CA PRO A 496 42.22 22.26 -25.64
C PRO A 496 43.05 21.02 -25.86
N LEU A 497 44.28 21.21 -26.34
CA LEU A 497 45.29 20.17 -26.43
C LEU A 497 46.51 20.59 -25.63
N HIS A 498 47.28 19.59 -25.19
CA HIS A 498 48.48 19.76 -24.37
C HIS A 498 48.14 20.52 -23.07
N LEU A 499 47.31 19.88 -22.25
CA LEU A 499 46.87 20.48 -21.01
C LEU A 499 48.02 20.59 -20.01
N GLU A 500 48.11 21.74 -19.34
CA GLU A 500 49.16 21.96 -18.34
C GLU A 500 48.93 21.08 -17.12
N GLY A 501 47.72 21.08 -16.59
CA GLY A 501 47.37 20.25 -15.45
C GLY A 501 47.46 20.95 -14.10
N LEU A 502 48.09 22.11 -14.02
CA LEU A 502 48.17 22.82 -12.75
C LEU A 502 46.82 23.44 -12.42
N VAL A 503 46.39 23.30 -11.18
CA VAL A 503 45.15 23.89 -10.69
C VAL A 503 45.47 24.82 -9.53
N GLN A 504 44.97 26.04 -9.61
CA GLN A 504 45.25 27.08 -8.63
C GLN A 504 44.03 27.32 -7.75
N PHE A 505 44.24 27.37 -6.44
CA PHE A 505 43.21 27.68 -5.48
C PHE A 505 43.51 29.06 -4.88
N GLN A 506 42.54 29.97 -4.97
CA GLN A 506 42.75 31.36 -4.59
C GLN A 506 41.55 31.85 -3.80
N ASP A 507 41.71 31.96 -2.48
CA ASP A 507 40.72 32.56 -1.57
C ASP A 507 39.36 31.86 -1.64
N VAL A 508 39.39 30.53 -1.71
CA VAL A 508 38.17 29.74 -1.93
C VAL A 508 37.49 29.51 -0.59
N SER A 509 36.23 29.92 -0.50
CA SER A 509 35.39 29.66 0.66
C SER A 509 34.10 29.00 0.19
N PHE A 510 33.78 27.85 0.76
CA PHE A 510 32.65 27.04 0.33
C PHE A 510 31.70 26.82 1.49
N ALA A 511 30.41 26.96 1.22
CA ALA A 511 29.35 26.66 2.18
C ALA A 511 28.41 25.64 1.56
N TYR A 512 27.94 24.71 2.38
CA TYR A 512 27.02 23.69 1.90
C TYR A 512 25.68 24.32 1.53
N PRO A 513 25.14 24.02 0.35
CA PRO A 513 23.82 24.58 -0.02
C PRO A 513 22.67 24.07 0.84
N ASN A 514 22.85 22.96 1.56
CA ASN A 514 21.83 22.50 2.49
C ASN A 514 21.63 23.48 3.63
N ARG A 515 22.73 23.92 4.25
CA ARG A 515 22.69 24.87 5.37
C ARG A 515 23.60 26.04 5.03
N PRO A 516 23.10 27.00 4.24
CA PRO A 516 23.96 28.15 3.86
C PRO A 516 24.24 29.11 4.99
N ASP A 517 23.49 29.03 6.10
CA ASP A 517 23.70 29.96 7.21
C ASP A 517 24.99 29.69 7.96
N VAL A 518 25.56 28.50 7.83
CA VAL A 518 26.79 28.13 8.53
C VAL A 518 27.89 27.88 7.50
N LEU A 519 29.05 28.51 7.70
CA LEU A 519 30.19 28.32 6.84
C LEU A 519 30.98 27.10 7.29
N VAL A 520 31.33 26.24 6.34
CA VAL A 520 32.08 25.02 6.64
C VAL A 520 33.48 25.02 6.06
N LEU A 521 33.83 25.99 5.23
CA LEU A 521 35.13 26.03 4.60
C LEU A 521 35.46 27.45 4.19
N GLN A 522 36.69 27.88 4.45
CA GLN A 522 37.10 29.24 4.14
C GLN A 522 38.63 29.31 4.08
N GLY A 523 39.13 30.24 3.27
CA GLY A 523 40.54 30.59 3.25
C GLY A 523 41.51 29.52 2.80
N LEU A 524 41.22 28.83 1.70
CA LEU A 524 42.18 27.90 1.12
C LEU A 524 43.10 28.64 0.16
N THR A 525 44.40 28.31 0.23
CA THR A 525 45.38 28.90 -0.67
C THR A 525 46.50 27.90 -0.88
N PHE A 526 46.60 27.36 -2.09
CA PHE A 526 47.67 26.44 -2.48
C PHE A 526 47.83 26.49 -3.99
N THR A 527 48.71 25.64 -4.50
CA THR A 527 48.84 25.41 -5.94
C THR A 527 49.33 23.98 -6.17
N LEU A 528 48.61 23.24 -7.00
CA LEU A 528 49.01 21.88 -7.36
C LEU A 528 49.81 21.97 -8.66
N ARG A 529 51.11 22.25 -8.52
CA ARG A 529 51.98 22.33 -9.68
C ARG A 529 52.17 20.94 -10.28
N PRO A 530 52.34 20.86 -11.60
CA PRO A 530 52.50 19.55 -12.23
C PRO A 530 53.84 18.90 -11.89
N GLY A 531 53.80 17.58 -11.71
CA GLY A 531 55.01 16.82 -11.44
C GLY A 531 55.40 16.73 -9.99
N GLU A 532 54.69 17.40 -9.09
CA GLU A 532 55.01 17.34 -7.66
C GLU A 532 53.83 16.78 -6.87
N VAL A 533 54.08 16.57 -5.58
CA VAL A 533 53.14 15.90 -4.69
C VAL A 533 52.71 16.90 -3.61
N THR A 534 51.40 17.07 -3.45
CA THR A 534 50.84 17.96 -2.44
C THR A 534 49.79 17.17 -1.65
N ALA A 535 50.14 16.75 -0.44
CA ALA A 535 49.27 15.96 0.40
C ALA A 535 48.88 16.74 1.64
N LEU A 536 47.60 16.70 1.99
CA LEU A 536 47.09 17.41 3.15
C LEU A 536 46.58 16.42 4.19
N VAL A 537 46.98 16.64 5.44
CA VAL A 537 46.62 15.77 6.55
C VAL A 537 45.88 16.60 7.59
N GLY A 538 44.79 16.05 8.12
CA GLY A 538 44.03 16.70 9.15
C GLY A 538 43.41 15.71 10.11
N PRO A 539 42.88 16.20 11.23
CA PRO A 539 42.22 15.33 12.20
C PRO A 539 40.84 14.91 11.72
N ASN A 540 40.20 14.06 12.52
CA ASN A 540 38.87 13.58 12.20
C ASN A 540 37.86 14.73 12.32
N GLY A 541 36.97 14.83 11.34
CA GLY A 541 35.98 15.89 11.32
C GLY A 541 36.47 17.22 10.81
N SER A 542 37.71 17.29 10.30
CA SER A 542 38.25 18.55 9.81
C SER A 542 37.62 18.99 8.50
N GLY A 543 36.98 18.08 7.78
CA GLY A 543 36.35 18.42 6.52
C GLY A 543 37.32 18.52 5.36
N LYS A 544 37.98 17.41 5.04
CA LYS A 544 38.91 17.37 3.92
C LYS A 544 38.33 16.73 2.68
N SER A 545 37.34 15.84 2.82
CA SER A 545 36.75 15.19 1.66
C SER A 545 35.91 16.15 0.83
N THR A 546 35.40 17.23 1.44
CA THR A 546 34.67 18.23 0.68
C THR A 546 35.61 19.09 -0.16
N VAL A 547 36.90 19.12 0.18
CA VAL A 547 37.87 19.82 -0.66
C VAL A 547 38.10 19.05 -1.95
N ALA A 548 38.23 17.72 -1.86
CA ALA A 548 38.47 16.90 -3.05
C ALA A 548 37.24 16.88 -3.96
N ALA A 549 36.04 16.92 -3.37
CA ALA A 549 34.83 17.04 -4.18
C ALA A 549 34.75 18.40 -4.86
N LEU A 550 35.35 19.42 -4.25
CA LEU A 550 35.38 20.75 -4.86
C LEU A 550 36.38 20.83 -6.00
N LEU A 551 37.38 19.93 -6.02
CA LEU A 551 38.38 19.93 -7.09
C LEU A 551 37.75 19.66 -8.45
N GLN A 552 36.80 18.74 -8.51
CA GLN A 552 36.05 18.49 -9.72
C GLN A 552 34.80 19.37 -9.71
N ASN A 553 33.87 19.11 -10.63
CA ASN A 553 32.69 19.94 -10.80
C ASN A 553 31.48 19.44 -10.01
N LEU A 554 31.71 18.75 -8.88
CA LEU A 554 30.60 18.27 -8.07
C LEU A 554 29.87 19.43 -7.39
N TYR A 555 30.62 20.41 -6.89
CA TYR A 555 30.05 21.60 -6.27
C TYR A 555 30.74 22.83 -6.84
N GLN A 556 30.37 23.99 -6.32
CA GLN A 556 30.93 25.26 -6.77
C GLN A 556 31.36 26.11 -5.59
N PRO A 557 32.44 26.86 -5.73
CA PRO A 557 32.86 27.74 -4.63
C PRO A 557 31.94 28.95 -4.51
N THR A 558 31.61 29.28 -3.26
CA THR A 558 30.67 30.37 -3.02
C THR A 558 31.31 31.73 -3.28
N GLY A 559 32.52 31.94 -2.79
CA GLY A 559 33.18 33.23 -2.91
C GLY A 559 34.64 33.16 -3.24
N GLY A 560 35.06 32.15 -4.00
CA GLY A 560 36.46 31.96 -4.33
C GLY A 560 36.65 31.76 -5.83
N GLN A 561 37.92 31.69 -6.21
CA GLN A 561 38.32 31.47 -7.59
C GLN A 561 39.03 30.13 -7.69
N LEU A 562 38.55 29.27 -8.58
CA LEU A 562 39.16 27.98 -8.87
C LEU A 562 39.70 28.06 -10.29
N LEU A 563 41.02 28.04 -10.41
CA LEU A 563 41.70 28.29 -11.68
C LEU A 563 42.34 27.01 -12.17
N LEU A 564 42.02 26.63 -13.41
CA LEU A 564 42.61 25.46 -14.06
C LEU A 564 43.03 25.87 -15.46
N ASP A 565 44.33 26.07 -15.64
CA ASP A 565 44.95 26.55 -16.88
C ASP A 565 44.28 27.88 -17.28
N GLY A 566 44.32 28.81 -16.32
CA GLY A 566 43.81 30.15 -16.54
C GLY A 566 42.31 30.29 -16.69
N LYS A 567 41.57 29.19 -16.58
CA LYS A 567 40.14 29.18 -16.82
C LYS A 567 39.41 28.43 -15.73
N PRO A 568 38.19 28.84 -15.39
CA PRO A 568 37.42 28.12 -14.39
C PRO A 568 36.88 26.80 -14.92
N LEU A 569 36.42 25.97 -13.98
CA LEU A 569 35.86 24.66 -14.33
C LEU A 569 34.62 24.71 -15.23
N PRO A 570 33.61 25.57 -15.02
CA PRO A 570 32.47 25.57 -15.96
C PRO A 570 32.83 26.00 -17.37
N GLN A 571 33.97 26.65 -17.58
CA GLN A 571 34.39 27.01 -18.93
C GLN A 571 34.82 25.80 -19.74
N TYR A 572 35.19 24.71 -19.07
CA TYR A 572 35.60 23.48 -19.75
C TYR A 572 34.41 22.55 -19.95
N GLU A 573 34.49 21.73 -20.98
CA GLU A 573 33.42 20.79 -21.30
C GLU A 573 33.28 19.74 -20.20
N HIS A 574 32.03 19.33 -19.94
CA HIS A 574 31.76 18.37 -18.87
C HIS A 574 32.39 17.01 -19.14
N ARG A 575 32.33 16.56 -20.40
CA ARG A 575 32.87 15.24 -20.72
C ARG A 575 34.39 15.26 -20.78
N TYR A 576 34.98 16.36 -21.25
CA TYR A 576 36.42 16.42 -21.37
C TYR A 576 37.10 16.60 -20.02
N LEU A 577 36.50 17.42 -19.14
CA LEU A 577 37.14 17.75 -17.87
C LEU A 577 37.25 16.54 -16.96
N HIS A 578 36.17 15.78 -16.82
CA HIS A 578 36.17 14.63 -15.94
C HIS A 578 36.95 13.46 -16.51
N ARG A 579 37.24 13.47 -17.81
CA ARG A 579 38.19 12.53 -18.38
C ARG A 579 39.62 12.93 -18.05
N GLN A 580 39.87 14.21 -17.81
CA GLN A 580 41.21 14.69 -17.47
C GLN A 580 41.48 14.67 -15.97
N VAL A 581 40.45 14.80 -15.15
CA VAL A 581 40.57 14.78 -13.69
C VAL A 581 39.82 13.56 -13.18
N ALA A 582 40.53 12.64 -12.54
CA ALA A 582 39.95 11.42 -12.02
C ALA A 582 40.26 11.29 -10.54
N ALA A 583 39.28 10.82 -9.78
CA ALA A 583 39.44 10.70 -8.34
C ALA A 583 38.69 9.46 -7.85
N VAL A 584 39.11 8.96 -6.70
CA VAL A 584 38.43 7.87 -6.01
C VAL A 584 37.83 8.44 -4.73
N GLY A 585 36.77 7.82 -4.25
CA GLY A 585 36.11 8.29 -3.05
C GLY A 585 36.69 7.68 -1.80
N GLN A 586 36.22 8.19 -0.66
CA GLN A 586 36.57 7.58 0.63
C GLN A 586 36.00 6.18 0.73
N GLU A 587 34.75 6.00 0.26
CA GLU A 587 34.13 4.68 0.19
C GLU A 587 33.89 4.36 -1.28
N PRO A 588 34.75 3.56 -1.93
CA PRO A 588 34.56 3.26 -3.35
C PRO A 588 33.32 2.41 -3.57
N GLN A 589 32.73 2.58 -4.75
CA GLN A 589 31.51 1.88 -5.14
C GLN A 589 31.78 1.01 -6.36
N VAL A 590 31.11 -0.13 -6.42
CA VAL A 590 31.27 -1.10 -7.50
C VAL A 590 29.91 -1.30 -8.15
N PHE A 591 29.85 -1.10 -9.47
CA PHE A 591 28.62 -1.29 -10.22
C PHE A 591 28.46 -2.75 -10.63
N GLY A 592 27.21 -3.19 -10.71
CA GLY A 592 26.91 -4.57 -11.01
C GLY A 592 27.11 -4.95 -12.46
N ARG A 593 28.35 -4.94 -12.91
CA ARG A 593 28.68 -5.37 -14.27
C ARG A 593 29.93 -6.24 -14.24
N SER A 594 30.47 -6.56 -15.42
CA SER A 594 31.74 -7.27 -15.49
C SER A 594 32.87 -6.36 -14.99
N LEU A 595 33.89 -6.99 -14.41
CA LEU A 595 34.99 -6.21 -13.86
C LEU A 595 35.85 -5.58 -14.95
N GLN A 596 35.83 -6.14 -16.16
CA GLN A 596 36.47 -5.47 -17.29
C GLN A 596 35.72 -4.20 -17.66
N GLU A 597 34.38 -4.24 -17.62
CA GLU A 597 33.59 -3.04 -17.90
C GLU A 597 33.70 -2.02 -16.77
N ASN A 598 33.82 -2.50 -15.52
CA ASN A 598 33.89 -1.57 -14.39
C ASN A 598 35.26 -0.89 -14.30
N ILE A 599 36.31 -1.55 -14.79
CA ILE A 599 37.62 -0.90 -14.86
C ILE A 599 37.58 0.23 -15.89
N ALA A 600 37.02 -0.05 -17.06
CA ALA A 600 36.94 0.94 -18.14
C ALA A 600 35.62 1.71 -18.14
N TYR A 601 35.02 1.90 -16.97
CA TYR A 601 33.75 2.63 -16.89
C TYR A 601 33.98 4.12 -17.11
N GLY A 602 33.06 4.74 -17.86
CA GLY A 602 33.13 6.14 -18.16
C GLY A 602 33.92 6.51 -19.39
N LEU A 603 34.63 5.56 -19.99
CA LEU A 603 35.42 5.85 -21.18
C LEU A 603 34.51 5.98 -22.40
N THR A 604 34.94 6.81 -23.34
CA THR A 604 34.17 7.02 -24.57
C THR A 604 34.12 5.76 -25.43
N GLN A 605 35.25 5.07 -25.57
CA GLN A 605 35.33 3.82 -26.31
C GLN A 605 36.10 2.79 -25.49
N LYS A 606 35.78 1.53 -25.71
CA LYS A 606 36.45 0.46 -24.99
C LYS A 606 37.86 0.26 -25.56
N PRO A 607 38.88 0.20 -24.72
CA PRO A 607 40.25 0.06 -25.22
C PRO A 607 40.55 -1.38 -25.62
N THR A 608 41.80 -1.62 -25.99
CA THR A 608 42.22 -2.97 -26.32
C THR A 608 42.37 -3.80 -25.05
N MET A 609 42.52 -5.11 -25.23
CA MET A 609 42.61 -6.01 -24.09
C MET A 609 43.93 -5.86 -23.34
N GLU A 610 44.98 -5.39 -24.03
CA GLU A 610 46.27 -5.22 -23.36
C GLU A 610 46.28 -4.00 -22.44
N GLU A 611 45.60 -2.93 -22.83
CA GLU A 611 45.61 -1.70 -22.04
C GLU A 611 44.91 -1.88 -20.70
N ILE A 612 43.88 -2.73 -20.66
CA ILE A 612 43.24 -3.05 -19.38
C ILE A 612 44.18 -3.83 -18.48
N THR A 613 44.93 -4.78 -19.06
CA THR A 613 45.90 -5.53 -18.28
C THR A 613 47.05 -4.65 -17.80
N ALA A 614 47.48 -3.70 -18.63
CA ALA A 614 48.52 -2.77 -18.21
C ALA A 614 48.05 -1.87 -17.07
N ALA A 615 46.78 -1.44 -17.11
CA ALA A 615 46.24 -0.65 -16.01
C ALA A 615 46.01 -1.49 -14.77
N ALA A 616 45.66 -2.78 -14.96
CA ALA A 616 45.43 -3.65 -13.81
C ALA A 616 46.72 -4.09 -13.15
N VAL A 617 47.80 -4.22 -13.92
CA VAL A 617 49.09 -4.57 -13.36
C VAL A 617 49.62 -3.44 -12.48
N LYS A 618 49.48 -2.19 -12.94
CA LYS A 618 49.91 -1.03 -12.17
C LYS A 618 49.10 -0.88 -10.89
N SER A 619 47.79 -1.10 -10.96
CA SER A 619 46.95 -1.04 -9.77
C SER A 619 47.13 -2.26 -8.87
N GLY A 620 47.45 -3.41 -9.45
CA GLY A 620 47.65 -4.62 -8.68
C GLY A 620 46.51 -5.62 -8.73
N ALA A 621 45.49 -5.39 -9.56
CA ALA A 621 44.41 -6.34 -9.68
C ALA A 621 44.83 -7.62 -10.38
N HIS A 622 45.88 -7.57 -11.19
CA HIS A 622 46.34 -8.75 -11.92
C HIS A 622 47.00 -9.78 -11.02
N SER A 623 47.50 -9.37 -9.86
CA SER A 623 48.13 -10.29 -8.92
C SER A 623 47.12 -11.13 -8.15
N PHE A 624 45.84 -10.77 -8.18
CA PHE A 624 44.79 -11.51 -7.49
C PHE A 624 43.75 -12.09 -8.42
N ILE A 625 43.33 -11.34 -9.45
CA ILE A 625 42.27 -11.82 -10.35
C ILE A 625 42.77 -12.91 -11.30
N SER A 626 44.07 -13.11 -11.40
CA SER A 626 44.59 -14.23 -12.19
C SER A 626 44.22 -15.57 -11.55
N GLY A 627 44.14 -15.62 -10.22
CA GLY A 627 43.76 -16.85 -9.54
C GLY A 627 42.28 -17.18 -9.64
N LEU A 628 41.45 -16.20 -9.92
CA LEU A 628 40.01 -16.46 -10.06
C LEU A 628 39.75 -17.23 -11.35
N PRO A 629 38.88 -18.26 -11.30
CA PRO A 629 38.64 -19.07 -12.51
C PRO A 629 37.90 -18.33 -13.62
N GLN A 630 37.20 -17.25 -13.30
CA GLN A 630 36.43 -16.53 -14.31
C GLN A 630 37.26 -15.51 -15.08
N GLY A 631 38.52 -15.30 -14.70
CA GLY A 631 39.36 -14.37 -15.43
C GLY A 631 39.01 -12.93 -15.09
N TYR A 632 38.99 -12.08 -16.13
CA TYR A 632 38.63 -10.68 -15.98
C TYR A 632 37.15 -10.42 -16.24
N ASP A 633 36.36 -11.46 -16.53
CA ASP A 633 34.95 -11.30 -16.88
C ASP A 633 34.03 -11.74 -15.74
N THR A 634 34.45 -11.57 -14.50
CA THR A 634 33.62 -11.96 -13.37
C THR A 634 32.44 -11.00 -13.23
N GLU A 635 31.28 -11.55 -12.87
CA GLU A 635 30.07 -10.77 -12.65
C GLU A 635 29.93 -10.49 -11.16
N VAL A 636 29.68 -9.23 -10.81
CA VAL A 636 29.60 -8.80 -9.42
C VAL A 636 28.18 -8.29 -9.17
N ASP A 637 27.77 -8.34 -7.90
CA ASP A 637 26.41 -7.97 -7.51
C ASP A 637 26.28 -6.45 -7.47
N GLU A 638 25.16 -5.97 -6.88
CA GLU A 638 24.87 -4.55 -6.86
C GLU A 638 25.86 -3.78 -5.98
N ALA A 639 26.15 -4.29 -4.78
CA ALA A 639 27.02 -3.55 -3.87
C ALA A 639 27.81 -4.53 -3.01
N GLY A 640 29.02 -4.85 -3.46
CA GLY A 640 30.08 -5.39 -2.62
C GLY A 640 29.84 -6.67 -1.84
N SER A 641 29.31 -7.70 -2.48
CA SER A 641 29.22 -9.01 -1.83
C SER A 641 30.27 -9.99 -2.35
N GLN A 642 30.71 -9.85 -3.59
CA GLN A 642 31.73 -10.71 -4.14
C GLN A 642 33.15 -10.18 -3.96
N LEU A 643 33.31 -8.86 -3.96
CA LEU A 643 34.61 -8.23 -3.81
C LEU A 643 34.83 -7.79 -2.37
N SER A 644 36.02 -8.01 -1.86
CA SER A 644 36.35 -7.65 -0.48
C SER A 644 36.71 -6.17 -0.39
N GLY A 645 37.08 -5.72 0.81
CA GLY A 645 37.50 -4.35 0.99
C GLY A 645 38.79 -4.03 0.28
N GLY A 646 39.76 -4.96 0.32
CA GLY A 646 40.99 -4.77 -0.43
C GLY A 646 40.77 -4.84 -1.94
N GLN A 647 39.85 -5.68 -2.38
CA GLN A 647 39.59 -5.80 -3.81
C GLN A 647 38.81 -4.60 -4.35
N ARG A 648 37.92 -4.04 -3.53
CA ARG A 648 37.15 -2.87 -3.96
C ARG A 648 38.04 -1.66 -4.18
N GLN A 649 39.03 -1.47 -3.30
CA GLN A 649 39.98 -0.38 -3.48
C GLN A 649 40.96 -0.70 -4.61
N ALA A 650 41.17 -1.98 -4.90
CA ALA A 650 42.06 -2.37 -5.98
C ALA A 650 41.43 -2.08 -7.35
N VAL A 651 40.13 -2.32 -7.49
CA VAL A 651 39.48 -2.06 -8.76
C VAL A 651 39.12 -0.57 -8.90
N ALA A 652 39.10 0.16 -7.78
CA ALA A 652 38.84 1.59 -7.85
C ALA A 652 40.07 2.35 -8.35
N LEU A 653 41.27 1.91 -7.95
CA LEU A 653 42.47 2.57 -8.41
C LEU A 653 42.72 2.29 -9.90
N ALA A 654 42.36 1.10 -10.37
CA ALA A 654 42.49 0.80 -11.79
C ALA A 654 41.50 1.61 -12.62
N ARG A 655 40.32 1.89 -12.06
CA ARG A 655 39.31 2.67 -12.77
C ARG A 655 39.78 4.10 -12.99
N ALA A 656 40.46 4.69 -12.01
CA ALA A 656 40.93 6.06 -12.14
C ALA A 656 42.26 6.15 -12.88
N LEU A 657 42.87 5.01 -13.23
CA LEU A 657 44.18 5.01 -13.86
C LEU A 657 44.14 4.60 -15.33
N ILE A 658 43.05 3.99 -15.78
CA ILE A 658 42.97 3.55 -17.18
C ILE A 658 42.91 4.74 -18.13
N ARG A 659 42.22 5.80 -17.73
CA ARG A 659 42.05 6.96 -18.60
C ARG A 659 43.29 7.84 -18.67
N LYS A 660 44.30 7.59 -17.83
CA LYS A 660 45.52 8.37 -17.67
C LYS A 660 45.20 9.83 -17.42
N PRO A 661 44.68 10.18 -16.25
CA PRO A 661 44.25 11.56 -16.01
C PRO A 661 45.43 12.48 -15.76
N CYS A 662 45.15 13.78 -15.80
CA CYS A 662 46.17 14.78 -15.55
C CYS A 662 46.26 15.19 -14.09
N VAL A 663 45.17 15.08 -13.34
CA VAL A 663 45.16 15.34 -11.91
C VAL A 663 44.56 14.13 -11.22
N LEU A 664 45.31 13.50 -10.32
CA LEU A 664 44.88 12.31 -9.63
C LEU A 664 44.67 12.60 -8.16
N ILE A 665 43.50 12.24 -7.63
CA ILE A 665 43.14 12.44 -6.24
C ILE A 665 42.79 11.10 -5.63
N LEU A 666 43.41 10.78 -4.49
CA LEU A 666 43.16 9.54 -3.77
C LEU A 666 42.66 9.86 -2.37
N ASP A 667 41.58 9.20 -1.97
CA ASP A 667 40.96 9.41 -0.65
C ASP A 667 40.86 8.05 0.05
N ASP A 668 41.70 7.85 1.07
CA ASP A 668 41.77 6.61 1.85
C ASP A 668 42.02 5.40 0.94
N ALA A 669 42.98 5.54 0.03
CA ALA A 669 43.27 4.48 -0.93
C ALA A 669 43.90 3.26 -0.26
N THR A 670 44.69 3.46 0.78
CA THR A 670 45.41 2.38 1.45
C THR A 670 44.84 2.08 2.84
N SER A 671 43.58 2.44 3.09
CA SER A 671 42.99 2.23 4.41
C SER A 671 42.82 0.74 4.71
N ALA A 672 42.32 -0.02 3.75
CA ALA A 672 42.17 -1.47 3.88
C ALA A 672 42.90 -2.23 2.78
N LEU A 673 43.60 -1.52 1.90
CA LEU A 673 44.31 -2.13 0.78
C LEU A 673 45.56 -2.85 1.27
N ASP A 674 45.90 -3.96 0.60
CA ASP A 674 46.89 -4.90 1.09
C ASP A 674 48.30 -4.33 1.00
N ALA A 675 49.21 -4.97 1.74
CA ALA A 675 50.57 -4.44 1.92
C ALA A 675 51.41 -4.51 0.65
N ASN A 676 51.19 -5.53 -0.20
CA ASN A 676 51.91 -5.56 -1.48
C ASN A 676 51.42 -4.45 -2.39
N SER A 677 50.14 -4.09 -2.28
CA SER A 677 49.60 -3.02 -3.09
C SER A 677 49.94 -1.64 -2.51
N GLN A 678 50.13 -1.54 -1.20
CA GLN A 678 50.68 -0.31 -0.64
C GLN A 678 52.15 -0.16 -1.01
N LEU A 679 52.83 -1.27 -1.31
CA LEU A 679 54.20 -1.19 -1.78
C LEU A 679 54.28 -0.55 -3.16
N GLN A 680 53.71 -1.21 -4.18
CA GLN A 680 53.92 -0.78 -5.55
C GLN A 680 53.11 0.45 -5.94
N VAL A 681 52.31 1.00 -5.02
CA VAL A 681 51.72 2.32 -5.23
C VAL A 681 52.71 3.40 -4.81
N GLU A 682 53.79 3.03 -4.12
CA GLU A 682 54.72 4.04 -3.62
C GLU A 682 55.80 4.37 -4.64
N GLN A 683 56.37 3.35 -5.31
CA GLN A 683 57.26 3.64 -6.43
C GLN A 683 56.50 4.19 -7.62
N LEU A 684 55.20 3.89 -7.71
CA LEU A 684 54.38 4.54 -8.73
C LEU A 684 54.24 6.02 -8.44
N LEU A 685 54.06 6.39 -7.17
CA LEU A 685 53.88 7.79 -6.80
C LEU A 685 55.20 8.54 -6.73
N TYR A 686 56.28 7.88 -6.32
CA TYR A 686 57.53 8.56 -6.02
C TYR A 686 58.68 8.21 -6.97
N GLU A 687 58.75 6.98 -7.46
CA GLU A 687 59.89 6.55 -8.27
C GLU A 687 59.57 6.39 -9.75
N SER A 688 58.31 6.15 -10.11
CA SER A 688 57.97 5.92 -11.50
C SER A 688 58.08 7.22 -12.31
N PRO A 689 58.43 7.13 -13.60
CA PRO A 689 58.47 8.34 -14.43
C PRO A 689 57.09 8.85 -14.84
N GLU A 690 56.01 8.14 -14.52
CA GLU A 690 54.67 8.59 -14.86
C GLU A 690 54.16 9.70 -13.96
N ARG A 691 54.87 10.00 -12.87
CA ARG A 691 54.47 11.10 -12.00
C ARG A 691 54.80 12.47 -12.59
N TYR A 692 55.61 12.51 -13.66
CA TYR A 692 56.03 13.79 -14.24
C TYR A 692 54.87 14.49 -14.94
N SER A 693 53.91 13.73 -15.47
CA SER A 693 52.81 14.27 -16.25
C SER A 693 51.54 14.47 -15.43
N ARG A 694 51.60 14.24 -14.12
CA ARG A 694 50.42 14.37 -13.28
C ARG A 694 50.75 15.13 -12.00
N SER A 695 49.72 15.77 -11.45
CA SER A 695 49.79 16.42 -10.14
C SER A 695 48.84 15.68 -9.21
N VAL A 696 49.37 15.19 -8.08
CA VAL A 696 48.62 14.29 -7.22
C VAL A 696 48.29 15.00 -5.92
N LEU A 697 47.12 14.66 -5.36
CA LEU A 697 46.69 15.15 -4.07
C LEU A 697 46.22 13.98 -3.24
N LEU A 698 46.81 13.81 -2.05
CA LEU A 698 46.47 12.71 -1.15
C LEU A 698 45.86 13.25 0.12
N ILE A 699 44.81 12.58 0.60
CA ILE A 699 44.24 12.83 1.92
C ILE A 699 44.26 11.49 2.64
N THR A 700 45.35 11.23 3.35
CA THR A 700 45.55 9.95 4.04
C THR A 700 46.14 10.20 5.42
N GLN A 701 45.83 9.30 6.36
CA GLN A 701 46.30 9.40 7.72
C GLN A 701 47.55 8.57 7.99
N HIS A 702 48.10 7.92 6.96
CA HIS A 702 49.25 7.05 7.15
C HIS A 702 50.54 7.85 7.06
N LEU A 703 51.35 7.79 8.12
CA LEU A 703 52.59 8.54 8.19
C LEU A 703 53.71 7.95 7.34
N SER A 704 53.55 6.72 6.85
CA SER A 704 54.55 6.08 6.01
C SER A 704 54.33 6.34 4.53
N LEU A 705 53.68 7.45 4.18
CA LEU A 705 53.43 7.80 2.79
C LEU A 705 53.76 9.24 2.43
N VAL A 706 53.87 10.14 3.40
CA VAL A 706 54.05 11.56 3.12
C VAL A 706 55.49 12.01 3.37
N GLU A 707 56.46 11.08 3.32
CA GLU A 707 57.85 11.45 3.55
C GLU A 707 58.45 12.18 2.35
N GLN A 708 58.12 11.77 1.13
CA GLN A 708 58.66 12.39 -0.07
C GLN A 708 57.70 13.37 -0.71
N ALA A 709 56.65 13.77 0.01
CA ALA A 709 55.73 14.79 -0.50
C ALA A 709 56.42 16.15 -0.54
N ASP A 710 56.31 16.84 -1.68
CA ASP A 710 56.97 18.12 -1.83
C ASP A 710 56.27 19.20 -1.02
N HIS A 711 54.94 19.17 -0.96
CA HIS A 711 54.17 20.13 -0.18
C HIS A 711 53.27 19.38 0.77
N ILE A 712 53.29 19.78 2.04
CA ILE A 712 52.45 19.16 3.07
C ILE A 712 51.62 20.27 3.69
N LEU A 713 50.31 20.09 3.70
CA LEU A 713 49.37 21.06 4.24
C LEU A 713 48.69 20.49 5.48
N PHE A 714 48.46 21.35 6.47
CA PHE A 714 47.77 20.97 7.69
C PHE A 714 46.40 21.64 7.71
N LEU A 715 45.35 20.83 7.84
CA LEU A 715 43.97 21.32 7.90
C LEU A 715 43.39 20.91 9.23
N GLU A 716 43.64 21.74 10.26
CA GLU A 716 43.05 21.48 11.58
C GLU A 716 41.53 21.66 11.54
N GLY A 717 41.06 22.67 10.80
CA GLY A 717 39.64 22.90 10.63
C GLY A 717 39.36 24.26 10.03
N GLY A 718 38.43 24.32 9.09
CA GLY A 718 38.10 25.58 8.44
C GLY A 718 39.12 26.05 7.43
N ALA A 719 40.30 26.42 7.91
CA ALA A 719 41.36 26.96 7.07
C ALA A 719 42.68 26.28 7.39
N ILE A 720 43.70 26.61 6.60
CA ILE A 720 45.02 26.03 6.77
C ILE A 720 45.71 26.70 7.95
N ARG A 721 46.22 25.89 8.88
CA ARG A 721 46.96 26.42 10.02
C ARG A 721 48.41 26.69 9.65
N GLU A 722 49.11 25.69 9.14
CA GLU A 722 50.49 25.85 8.71
C GLU A 722 50.78 24.86 7.59
N GLY A 723 51.84 25.13 6.84
CA GLY A 723 52.23 24.27 5.74
C GLY A 723 53.70 24.42 5.42
N GLY A 724 54.23 23.40 4.76
CA GLY A 724 55.63 23.40 4.38
C GLY A 724 56.06 22.00 3.97
N THR A 725 57.39 21.82 3.94
CA THR A 725 57.97 20.54 3.57
C THR A 725 58.18 19.68 4.82
N HIS A 726 58.84 18.53 4.65
CA HIS A 726 59.05 17.60 5.75
C HIS A 726 60.02 18.16 6.79
N GLN A 727 61.16 18.68 6.33
CA GLN A 727 62.19 19.13 7.27
C GLN A 727 61.79 20.44 7.94
N GLN A 728 61.09 21.32 7.22
CA GLN A 728 60.71 22.61 7.77
C GLN A 728 59.70 22.45 8.91
N LEU A 729 58.74 21.54 8.75
CA LEU A 729 57.70 21.39 9.75
C LEU A 729 58.23 20.76 11.04
N MET A 730 59.20 19.85 10.94
CA MET A 730 59.81 19.27 12.14
C MET A 730 60.68 20.29 12.86
N GLU A 731 61.40 21.13 12.13
CA GLU A 731 62.21 22.17 12.75
C GLU A 731 61.38 23.31 13.31
N LYS A 732 60.15 23.49 12.83
CA LYS A 732 59.30 24.57 13.29
C LYS A 732 58.73 24.31 14.69
N LYS A 733 58.63 23.04 15.09
CA LYS A 733 58.01 22.61 16.35
C LYS A 733 56.56 23.11 16.44
N GLY A 734 55.77 22.59 15.51
CA GLY A 734 54.36 22.89 15.43
C GLY A 734 53.49 21.72 15.83
N CYS A 735 52.24 21.74 15.35
CA CYS A 735 51.31 20.66 15.66
C CYS A 735 51.55 19.43 14.79
N TYR A 736 52.36 19.55 13.73
CA TYR A 736 52.61 18.41 12.86
C TYR A 736 53.45 17.35 13.56
N TRP A 737 54.44 17.77 14.36
CA TRP A 737 55.26 16.81 15.09
C TRP A 737 54.43 16.11 16.16
N ALA A 738 53.53 16.85 16.82
CA ALA A 738 52.71 16.28 17.88
C ALA A 738 51.75 15.22 17.34
N MET A 739 51.23 15.42 16.13
CA MET A 739 50.39 14.40 15.51
C MET A 739 51.20 13.21 15.01
N VAL A 740 52.47 13.44 14.64
CA VAL A 740 53.32 12.35 14.15
C VAL A 740 53.67 11.41 15.29
N GLN A 741 54.05 11.96 16.45
CA GLN A 741 54.48 11.13 17.57
C GLN A 741 53.32 10.40 18.24
N ALA A 742 52.09 10.85 18.03
CA ALA A 742 50.93 10.22 18.62
C ALA A 742 50.63 8.87 17.97
N GLN B 131 -7.12 -27.92 -1.98
CA GLN B 131 -6.43 -27.45 -0.79
C GLN B 131 -7.27 -27.72 0.46
N VAL B 132 -6.68 -28.42 1.44
CA VAL B 132 -7.38 -28.72 2.68
C VAL B 132 -7.17 -27.66 3.75
N ASN B 133 -6.27 -26.70 3.53
CA ASN B 133 -6.06 -25.64 4.52
C ASN B 133 -7.23 -24.66 4.55
N ASN B 134 -7.81 -24.36 3.39
CA ASN B 134 -8.90 -23.39 3.34
C ASN B 134 -10.25 -24.00 3.66
N LYS B 135 -10.34 -25.32 3.78
CA LYS B 135 -11.62 -25.95 4.09
C LYS B 135 -12.00 -25.75 5.56
N VAL B 136 -11.03 -25.87 6.47
CA VAL B 136 -11.31 -25.70 7.88
C VAL B 136 -11.65 -24.24 8.20
N LEU B 137 -11.01 -23.29 7.51
CA LEU B 137 -11.31 -21.88 7.72
C LEU B 137 -12.68 -21.53 7.14
N MET B 138 -13.05 -22.15 6.02
CA MET B 138 -14.37 -21.89 5.43
C MET B 138 -15.48 -22.47 6.30
N TRP B 139 -15.24 -23.62 6.90
CA TRP B 139 -16.26 -24.24 7.75
C TRP B 139 -16.46 -23.44 9.04
N ARG B 140 -15.38 -22.90 9.60
CA ARG B 140 -15.50 -22.04 10.77
C ARG B 140 -16.18 -20.72 10.43
N LEU B 141 -15.90 -20.17 9.24
CA LEU B 141 -16.52 -18.93 8.82
C LEU B 141 -17.99 -19.11 8.52
N LEU B 142 -18.38 -20.27 7.99
CA LEU B 142 -19.79 -20.56 7.76
C LEU B 142 -20.55 -20.72 9.07
N LYS B 143 -19.90 -21.30 10.08
CA LYS B 143 -20.53 -21.47 11.38
C LYS B 143 -20.61 -20.17 12.16
N LEU B 144 -19.89 -19.13 11.72
CA LEU B 144 -19.94 -17.84 12.38
C LEU B 144 -21.25 -17.11 12.10
N SER B 145 -21.95 -17.47 11.03
CA SER B 145 -23.20 -16.82 10.64
C SER B 145 -24.41 -17.68 10.97
N ARG B 146 -24.38 -18.37 12.11
CA ARG B 146 -25.50 -19.21 12.50
C ARG B 146 -26.81 -18.45 12.76
N PRO B 147 -26.86 -17.37 13.55
CA PRO B 147 -28.17 -16.75 13.81
C PRO B 147 -28.73 -15.96 12.64
N ASP B 148 -27.96 -15.70 11.59
CA ASP B 148 -28.43 -14.95 10.44
C ASP B 148 -29.02 -15.86 9.36
N LEU B 149 -29.43 -17.08 9.72
CA LEU B 149 -30.12 -17.94 8.77
C LEU B 149 -31.47 -17.40 8.30
N PRO B 150 -32.34 -16.83 9.15
CA PRO B 150 -33.58 -16.24 8.61
C PRO B 150 -33.35 -15.08 7.64
N LEU B 151 -32.28 -14.31 7.81
CA LEU B 151 -32.01 -13.24 6.85
C LEU B 151 -31.50 -13.80 5.53
N LEU B 152 -30.75 -14.89 5.58
CA LEU B 152 -30.25 -15.50 4.34
C LEU B 152 -31.36 -16.19 3.56
N VAL B 153 -32.34 -16.77 4.27
CA VAL B 153 -33.47 -17.40 3.60
C VAL B 153 -34.34 -16.37 2.90
N ALA B 154 -34.61 -15.25 3.59
CA ALA B 154 -35.43 -14.19 3.00
C ALA B 154 -34.71 -13.51 1.85
N ALA B 155 -33.39 -13.37 1.94
CA ALA B 155 -32.62 -12.79 0.84
C ALA B 155 -32.63 -13.70 -0.37
N PHE B 156 -32.53 -15.01 -0.15
CA PHE B 156 -32.59 -15.97 -1.26
C PHE B 156 -33.98 -15.99 -1.89
N PHE B 157 -35.02 -15.88 -1.07
CA PHE B 157 -36.39 -15.83 -1.60
C PHE B 157 -36.63 -14.56 -2.39
N PHE B 158 -36.09 -13.43 -1.92
CA PHE B 158 -36.27 -12.17 -2.64
C PHE B 158 -35.41 -12.11 -3.89
N LEU B 159 -34.31 -12.87 -3.92
CA LEU B 159 -33.47 -12.90 -5.11
C LEU B 159 -34.11 -13.72 -6.22
N VAL B 160 -34.81 -14.80 -5.85
CA VAL B 160 -35.47 -15.65 -6.83
C VAL B 160 -36.62 -14.89 -7.49
N LEU B 161 -37.40 -14.16 -6.69
CA LEU B 161 -38.52 -13.40 -7.24
C LEU B 161 -38.04 -12.25 -8.12
N ALA B 162 -36.91 -11.64 -7.76
CA ALA B 162 -36.36 -10.56 -8.58
C ALA B 162 -35.85 -11.07 -9.92
N VAL B 163 -35.24 -12.27 -9.92
CA VAL B 163 -34.75 -12.86 -11.17
C VAL B 163 -35.92 -13.30 -12.04
N LEU B 164 -36.96 -13.88 -11.43
CA LEU B 164 -38.12 -14.35 -12.18
C LEU B 164 -38.88 -13.18 -12.83
N GLY B 165 -38.93 -12.04 -12.14
CA GLY B 165 -39.51 -10.86 -12.75
C GLY B 165 -38.70 -10.33 -13.92
N GLU B 166 -37.38 -10.44 -13.82
CA GLU B 166 -36.51 -9.90 -14.87
C GLU B 166 -36.57 -10.73 -16.15
N THR B 167 -36.64 -12.05 -16.04
CA THR B 167 -36.66 -12.90 -17.23
C THR B 167 -38.05 -13.14 -17.78
N LEU B 168 -39.07 -12.48 -17.23
CA LEU B 168 -40.43 -12.66 -17.72
C LEU B 168 -40.90 -11.50 -18.58
N ILE B 169 -40.35 -10.30 -18.38
CA ILE B 169 -40.67 -9.18 -19.27
C ILE B 169 -40.24 -9.38 -20.73
N PRO B 170 -39.06 -9.95 -21.05
CA PRO B 170 -38.78 -10.19 -22.48
C PRO B 170 -39.70 -11.22 -23.13
N HIS B 171 -40.25 -12.16 -22.35
CA HIS B 171 -41.25 -13.07 -22.93
C HIS B 171 -42.53 -12.33 -23.26
N TYR B 172 -42.93 -11.39 -22.41
CA TYR B 172 -44.11 -10.58 -22.71
C TYR B 172 -43.83 -9.57 -23.81
N SER B 173 -42.56 -9.22 -24.02
CA SER B 173 -42.20 -8.32 -25.12
C SER B 173 -42.46 -8.97 -26.47
N GLY B 174 -42.25 -10.28 -26.56
CA GLY B 174 -42.57 -10.97 -27.79
C GLY B 174 -44.06 -11.15 -28.00
N ARG B 175 -44.84 -11.05 -26.92
CA ARG B 175 -46.28 -11.18 -27.03
C ARG B 175 -46.90 -9.92 -27.66
N VAL B 176 -46.33 -8.75 -27.37
CA VAL B 176 -46.87 -7.50 -27.91
C VAL B 176 -46.61 -7.40 -29.40
N ILE B 177 -45.39 -7.76 -29.83
CA ILE B 177 -45.05 -7.76 -31.26
C ILE B 177 -45.87 -8.79 -32.01
N ASP B 178 -46.19 -9.91 -31.36
CA ASP B 178 -47.09 -10.90 -31.95
C ASP B 178 -48.48 -10.34 -32.17
N ILE B 179 -49.00 -9.58 -31.20
CA ILE B 179 -50.31 -8.95 -31.34
C ILE B 179 -50.31 -7.84 -32.38
N LEU B 180 -49.25 -7.02 -32.40
CA LEU B 180 -49.17 -5.88 -33.30
C LEU B 180 -49.11 -6.28 -34.78
N GLY B 181 -48.69 -7.50 -35.08
CA GLY B 181 -48.59 -7.95 -36.46
C GLY B 181 -49.81 -8.67 -36.96
N GLY B 182 -50.91 -8.58 -36.22
CA GLY B 182 -52.15 -9.22 -36.62
C GLY B 182 -53.36 -8.33 -36.49
N ASP B 183 -54.52 -8.92 -36.19
CA ASP B 183 -55.73 -8.14 -35.97
C ASP B 183 -55.64 -7.43 -34.63
N PHE B 184 -55.66 -6.10 -34.65
CA PHE B 184 -55.49 -5.34 -33.42
C PHE B 184 -56.75 -5.39 -32.57
N ASP B 185 -56.56 -5.65 -31.28
CA ASP B 185 -57.65 -5.59 -30.31
C ASP B 185 -57.14 -4.90 -29.05
N PRO B 186 -57.74 -3.78 -28.64
CA PRO B 186 -57.20 -3.01 -27.51
C PRO B 186 -57.36 -3.69 -26.16
N HIS B 187 -58.20 -4.72 -26.04
CA HIS B 187 -58.38 -5.39 -24.75
C HIS B 187 -57.15 -6.19 -24.37
N ALA B 188 -56.60 -6.98 -25.31
CA ALA B 188 -55.42 -7.77 -25.01
C ALA B 188 -54.16 -6.92 -24.99
N PHE B 189 -54.11 -5.86 -25.80
CA PHE B 189 -52.94 -4.99 -25.82
C PHE B 189 -52.80 -4.22 -24.50
N ALA B 190 -53.92 -3.74 -23.96
CA ALA B 190 -53.88 -3.08 -22.66
C ALA B 190 -53.62 -4.09 -21.54
N SER B 191 -54.11 -5.32 -21.70
CA SER B 191 -53.86 -6.36 -20.70
C SER B 191 -52.39 -6.77 -20.71
N ALA B 192 -51.76 -6.81 -21.89
CA ALA B 192 -50.35 -7.14 -21.98
C ALA B 192 -49.49 -6.06 -21.33
N ILE B 193 -49.84 -4.79 -21.54
CA ILE B 193 -49.10 -3.69 -20.94
C ILE B 193 -49.30 -3.66 -19.43
N PHE B 194 -50.52 -3.98 -18.97
CA PHE B 194 -50.78 -4.02 -17.53
C PHE B 194 -50.00 -5.15 -16.86
N PHE B 195 -49.73 -6.23 -17.59
CA PHE B 195 -48.89 -7.29 -17.04
C PHE B 195 -47.42 -6.89 -17.01
N MET B 196 -47.01 -6.00 -17.92
CA MET B 196 -45.66 -5.45 -17.87
C MET B 196 -45.47 -4.59 -16.63
N CYS B 197 -46.46 -3.78 -16.30
CA CYS B 197 -46.34 -2.89 -15.14
C CYS B 197 -46.39 -3.68 -13.84
N LEU B 198 -47.23 -4.71 -13.77
CA LEU B 198 -47.35 -5.51 -12.55
C LEU B 198 -46.07 -6.30 -12.29
N PHE B 199 -45.41 -6.75 -13.36
CA PHE B 199 -44.14 -7.45 -13.19
C PHE B 199 -43.00 -6.47 -12.95
N SER B 200 -43.16 -5.22 -13.38
CA SER B 200 -42.11 -4.23 -13.17
C SER B 200 -42.04 -3.76 -11.73
N PHE B 201 -43.21 -3.48 -11.12
CA PHE B 201 -43.23 -3.09 -9.71
C PHE B 201 -42.86 -4.27 -8.81
N GLY B 202 -43.27 -5.48 -9.19
CA GLY B 202 -42.94 -6.64 -8.37
C GLY B 202 -41.46 -6.97 -8.38
N SER B 203 -40.81 -6.86 -9.53
CA SER B 203 -39.40 -7.20 -9.62
C SER B 203 -38.53 -6.14 -8.97
N SER B 204 -38.92 -4.87 -9.07
CA SER B 204 -38.13 -3.82 -8.45
C SER B 204 -38.24 -3.85 -6.93
N LEU B 205 -39.41 -4.20 -6.40
CA LEU B 205 -39.58 -4.31 -4.96
C LEU B 205 -38.84 -5.53 -4.41
N SER B 206 -38.82 -6.62 -5.17
CA SER B 206 -38.10 -7.82 -4.72
C SER B 206 -36.59 -7.61 -4.78
N ALA B 207 -36.11 -6.90 -5.80
CA ALA B 207 -34.68 -6.61 -5.88
C ALA B 207 -34.28 -5.55 -4.87
N GLY B 208 -35.17 -4.59 -4.60
CA GLY B 208 -34.86 -3.55 -3.63
C GLY B 208 -34.77 -4.08 -2.21
N CYS B 209 -35.68 -5.00 -1.84
CA CYS B 209 -35.66 -5.56 -0.49
C CYS B 209 -34.55 -6.59 -0.34
N ARG B 210 -34.04 -7.13 -1.45
CA ARG B 210 -32.93 -8.08 -1.37
C ARG B 210 -31.63 -7.38 -1.03
N GLY B 211 -31.36 -6.25 -1.68
CA GLY B 211 -30.11 -5.55 -1.45
C GLY B 211 -30.01 -4.96 -0.05
N GLY B 212 -31.14 -4.46 0.47
CA GLY B 212 -31.14 -3.95 1.83
C GLY B 212 -30.93 -5.03 2.87
N CYS B 213 -31.48 -6.22 2.63
CA CYS B 213 -31.35 -7.31 3.59
C CYS B 213 -29.93 -7.88 3.59
N PHE B 214 -29.28 -7.90 2.43
CA PHE B 214 -27.91 -8.41 2.35
C PHE B 214 -26.93 -7.50 3.08
N THR B 215 -27.12 -6.18 2.98
CA THR B 215 -26.20 -5.26 3.65
C THR B 215 -26.51 -5.12 5.14
N TYR B 216 -27.67 -5.58 5.58
CA TYR B 216 -27.94 -5.65 7.02
C TYR B 216 -27.27 -6.86 7.63
N THR B 217 -27.19 -7.97 6.90
CA THR B 217 -26.48 -9.15 7.37
C THR B 217 -24.99 -8.89 7.45
N MET B 218 -24.45 -8.12 6.50
CA MET B 218 -23.02 -7.82 6.47
C MET B 218 -22.59 -7.03 7.69
N SER B 219 -23.42 -6.07 8.12
CA SER B 219 -23.09 -5.28 9.30
C SER B 219 -23.33 -6.08 10.58
N ARG B 220 -24.31 -6.97 10.59
CA ARG B 220 -24.57 -7.77 11.78
C ARG B 220 -23.51 -8.85 11.96
N ILE B 221 -22.94 -9.35 10.86
CA ILE B 221 -21.84 -10.29 10.95
C ILE B 221 -20.58 -9.59 11.45
N ASN B 222 -20.35 -8.35 10.97
CA ASN B 222 -19.16 -7.59 11.33
C ASN B 222 -19.17 -7.27 12.82
N LEU B 223 -20.33 -6.95 13.37
CA LEU B 223 -20.40 -6.62 14.80
C LEU B 223 -20.21 -7.86 15.67
N ARG B 224 -20.56 -9.03 15.15
CA ARG B 224 -20.41 -10.26 15.94
C ARG B 224 -18.95 -10.70 16.03
N ILE B 225 -18.21 -10.63 14.93
CA ILE B 225 -16.83 -11.07 14.94
C ILE B 225 -15.96 -10.09 15.73
N ARG B 226 -16.29 -8.79 15.66
CA ARG B 226 -15.53 -7.78 16.40
C ARG B 226 -15.71 -7.95 17.91
N GLU B 227 -16.93 -8.26 18.35
CA GLU B 227 -17.18 -8.46 19.77
C GLU B 227 -16.54 -9.76 20.26
N GLN B 228 -16.58 -10.81 19.44
CA GLN B 228 -16.01 -12.10 19.85
C GLN B 228 -14.49 -12.04 19.90
N LEU B 229 -13.87 -11.20 19.06
CA LEU B 229 -12.42 -11.10 19.05
C LEU B 229 -11.90 -10.37 20.29
N PHE B 230 -12.53 -9.25 20.64
CA PHE B 230 -12.06 -8.47 21.78
C PHE B 230 -12.36 -9.16 23.10
N SER B 231 -13.48 -9.89 23.17
CA SER B 231 -13.77 -10.66 24.38
C SER B 231 -12.81 -11.81 24.56
N SER B 232 -12.33 -12.41 23.46
CA SER B 232 -11.32 -13.44 23.55
C SER B 232 -9.94 -12.86 23.81
N LEU B 233 -9.67 -11.67 23.27
CA LEU B 233 -8.36 -11.04 23.44
C LEU B 233 -8.17 -10.47 24.84
N LEU B 234 -9.25 -10.23 25.58
CA LEU B 234 -9.13 -9.66 26.91
C LEU B 234 -8.63 -10.67 27.95
N ARG B 235 -8.70 -11.96 27.64
CA ARG B 235 -8.31 -13.02 28.56
C ARG B 235 -6.96 -13.63 28.20
N GLN B 236 -6.09 -12.84 27.57
CA GLN B 236 -4.78 -13.31 27.15
C GLN B 236 -3.69 -12.81 28.10
N ASP B 237 -2.58 -13.52 28.11
CA ASP B 237 -1.47 -13.17 28.99
C ASP B 237 -0.75 -11.92 28.51
N LEU B 238 0.07 -11.36 29.40
CA LEU B 238 0.80 -10.14 29.09
C LEU B 238 2.01 -10.39 28.19
N GLY B 239 2.38 -11.65 27.97
CA GLY B 239 3.42 -11.94 27.00
C GLY B 239 2.98 -11.63 25.58
N PHE B 240 1.68 -11.60 25.35
CA PHE B 240 1.15 -11.29 24.03
C PHE B 240 1.09 -9.79 23.77
N PHE B 241 0.93 -8.99 24.82
CA PHE B 241 0.79 -7.55 24.66
C PHE B 241 2.12 -6.81 24.69
N GLN B 242 3.23 -7.49 24.97
CA GLN B 242 4.54 -6.88 24.88
C GLN B 242 5.40 -7.43 23.74
N GLU B 243 5.15 -8.66 23.30
CA GLU B 243 5.84 -9.19 22.14
C GLU B 243 5.28 -8.63 20.84
N THR B 244 3.96 -8.41 20.77
CA THR B 244 3.30 -7.92 19.58
C THR B 244 2.96 -6.44 19.75
N LYS B 245 3.17 -5.67 18.69
CA LYS B 245 2.88 -4.25 18.73
C LYS B 245 1.38 -3.99 18.77
N THR B 246 1.00 -2.91 19.44
CA THR B 246 -0.42 -2.56 19.55
C THR B 246 -0.96 -2.05 18.22
N GLY B 247 -0.09 -1.57 17.33
CA GLY B 247 -0.54 -1.16 16.01
C GLY B 247 -0.99 -2.33 15.17
N GLU B 248 -0.34 -3.49 15.31
CA GLU B 248 -0.74 -4.69 14.58
C GLU B 248 -2.10 -5.18 15.04
N LEU B 249 -2.38 -5.10 16.34
CA LEU B 249 -3.69 -5.50 16.85
C LEU B 249 -4.78 -4.53 16.41
N ASN B 250 -4.43 -3.25 16.22
CA ASN B 250 -5.40 -2.27 15.77
C ASN B 250 -5.79 -2.52 14.32
N SER B 251 -4.83 -2.96 13.50
CA SER B 251 -5.12 -3.24 12.10
C SER B 251 -5.94 -4.51 11.93
N ARG B 252 -5.77 -5.49 12.82
CA ARG B 252 -6.53 -6.72 12.74
C ARG B 252 -7.90 -6.62 13.39
N LEU B 253 -8.18 -5.51 14.09
CA LEU B 253 -9.45 -5.31 14.75
C LEU B 253 -10.31 -4.25 14.10
N SER B 254 -9.72 -3.22 13.50
CA SER B 254 -10.46 -2.12 12.92
C SER B 254 -10.63 -2.24 11.41
N SER B 255 -9.61 -2.70 10.69
CA SER B 255 -9.64 -2.70 9.23
C SER B 255 -9.75 -4.10 8.63
N ASP B 256 -9.12 -5.11 9.22
CA ASP B 256 -9.13 -6.43 8.62
C ASP B 256 -10.48 -7.12 8.75
N THR B 257 -11.22 -6.83 9.83
CA THR B 257 -12.51 -7.49 10.02
C THR B 257 -13.60 -6.87 9.15
N THR B 258 -13.37 -5.67 8.61
CA THR B 258 -14.32 -5.12 7.64
C THR B 258 -14.20 -5.81 6.29
N LEU B 259 -12.96 -6.07 5.85
CA LEU B 259 -12.72 -6.79 4.62
C LEU B 259 -12.99 -8.29 4.73
N MET B 260 -13.19 -8.79 5.95
CA MET B 260 -13.46 -10.21 6.18
C MET B 260 -14.95 -10.48 6.34
N SER B 261 -15.71 -9.52 6.86
CA SER B 261 -17.14 -9.72 7.08
C SER B 261 -17.92 -9.80 5.77
N ASN B 262 -17.49 -9.07 4.74
CA ASN B 262 -18.21 -9.03 3.48
C ASN B 262 -17.85 -10.17 2.53
N TRP B 263 -17.25 -11.24 3.02
CA TRP B 263 -16.96 -12.38 2.15
C TRP B 263 -18.23 -13.14 1.79
N LEU B 264 -19.08 -13.40 2.78
CA LEU B 264 -20.27 -14.21 2.56
C LEU B 264 -21.40 -13.43 1.85
N PRO B 265 -21.80 -12.22 2.28
CA PRO B 265 -22.90 -11.56 1.55
C PRO B 265 -22.57 -11.20 0.10
N LEU B 266 -21.29 -10.96 -0.21
CA LEU B 266 -20.93 -10.68 -1.59
C LEU B 266 -20.91 -11.96 -2.43
N ASN B 267 -20.39 -13.05 -1.86
CA ASN B 267 -20.28 -14.28 -2.63
C ASN B 267 -21.63 -14.99 -2.76
N ALA B 268 -22.46 -14.95 -1.72
CA ALA B 268 -23.76 -15.61 -1.79
C ALA B 268 -24.70 -14.87 -2.73
N ASN B 269 -24.57 -13.55 -2.83
CA ASN B 269 -25.39 -12.79 -3.76
C ASN B 269 -25.01 -13.07 -5.20
N VAL B 270 -23.71 -13.19 -5.47
CA VAL B 270 -23.23 -13.45 -6.82
C VAL B 270 -23.57 -14.88 -7.24
N LEU B 271 -23.36 -15.84 -6.32
CA LEU B 271 -23.56 -17.25 -6.66
C LEU B 271 -25.04 -17.58 -6.85
N LEU B 272 -25.90 -17.08 -5.96
CA LEU B 272 -27.31 -17.44 -6.04
C LEU B 272 -28.02 -16.68 -7.15
N ARG B 273 -27.42 -15.59 -7.64
CA ARG B 273 -27.99 -14.91 -8.80
C ARG B 273 -27.73 -15.70 -10.07
N SER B 274 -26.52 -16.21 -10.24
CA SER B 274 -26.16 -16.89 -11.47
C SER B 274 -26.76 -18.30 -11.55
N LEU B 275 -27.01 -18.92 -10.40
CA LEU B 275 -27.60 -20.25 -10.40
C LEU B 275 -29.06 -20.20 -10.85
N VAL B 276 -29.83 -19.25 -10.31
CA VAL B 276 -31.25 -19.15 -10.66
C VAL B 276 -31.42 -18.65 -12.10
N LYS B 277 -30.61 -17.66 -12.50
CA LYS B 277 -30.79 -17.03 -13.80
C LYS B 277 -30.44 -17.97 -14.95
N VAL B 278 -29.38 -18.78 -14.78
CA VAL B 278 -29.00 -19.74 -15.82
C VAL B 278 -30.08 -20.80 -15.96
N VAL B 279 -30.60 -21.30 -14.83
CA VAL B 279 -31.69 -22.27 -14.87
C VAL B 279 -32.96 -21.62 -15.41
N GLY B 280 -33.22 -20.37 -15.00
CA GLY B 280 -34.42 -19.68 -15.47
C GLY B 280 -34.41 -19.37 -16.96
N LEU B 281 -33.26 -18.93 -17.48
CA LEU B 281 -33.18 -18.60 -18.89
C LEU B 281 -33.20 -19.84 -19.77
N TYR B 282 -32.46 -20.89 -19.38
CA TYR B 282 -32.44 -22.12 -20.16
C TYR B 282 -33.76 -22.87 -20.08
N GLY B 283 -34.52 -22.68 -19.00
CA GLY B 283 -35.88 -23.17 -18.97
C GLY B 283 -36.76 -22.45 -19.97
N PHE B 284 -36.51 -21.15 -20.18
CA PHE B 284 -37.26 -20.40 -21.18
C PHE B 284 -36.78 -20.73 -22.59
N MET B 285 -35.55 -21.22 -22.73
CA MET B 285 -35.06 -21.66 -24.03
C MET B 285 -35.85 -22.86 -24.54
N LEU B 286 -36.03 -23.87 -23.69
CA LEU B 286 -36.64 -25.13 -24.12
C LEU B 286 -38.12 -24.97 -24.41
N SER B 287 -38.78 -24.01 -23.76
CA SER B 287 -40.20 -23.79 -24.02
C SER B 287 -40.42 -23.12 -25.37
N ILE B 288 -39.48 -22.30 -25.83
CA ILE B 288 -39.65 -21.61 -27.11
C ILE B 288 -39.32 -22.54 -28.27
N SER B 289 -38.12 -23.11 -28.25
CA SER B 289 -37.70 -23.98 -29.34
C SER B 289 -36.62 -24.96 -28.87
N PRO B 290 -36.98 -26.22 -28.62
CA PRO B 290 -35.96 -27.23 -28.29
C PRO B 290 -34.95 -27.45 -29.40
N ARG B 291 -35.36 -27.29 -30.65
CA ARG B 291 -34.43 -27.48 -31.76
C ARG B 291 -33.42 -26.34 -31.85
N LEU B 292 -33.88 -25.10 -31.71
CA LEU B 292 -32.99 -23.95 -31.78
C LEU B 292 -32.19 -23.73 -30.51
N THR B 293 -32.57 -24.36 -29.40
CA THR B 293 -31.76 -24.23 -28.18
C THR B 293 -30.45 -25.00 -28.31
N LEU B 294 -30.48 -26.18 -28.92
CA LEU B 294 -29.30 -27.04 -29.02
C LEU B 294 -28.24 -26.46 -29.93
N LEU B 295 -28.60 -25.54 -30.83
CA LEU B 295 -27.58 -24.89 -31.67
C LEU B 295 -26.68 -23.98 -30.85
N SER B 296 -27.26 -23.27 -29.88
CA SER B 296 -26.48 -22.44 -28.97
C SER B 296 -25.99 -23.20 -27.75
N LEU B 297 -26.46 -24.43 -27.54
CA LEU B 297 -25.99 -25.26 -26.44
C LEU B 297 -24.74 -26.06 -26.80
N LEU B 298 -24.35 -26.07 -28.07
CA LEU B 298 -23.23 -26.86 -28.56
C LEU B 298 -22.12 -25.98 -29.13
N HIS B 299 -21.97 -24.77 -28.57
CA HIS B 299 -20.79 -23.96 -28.85
C HIS B 299 -20.15 -23.39 -27.60
N MET B 300 -20.76 -23.58 -26.43
CA MET B 300 -20.12 -23.19 -25.19
C MET B 300 -18.77 -23.87 -24.93
N PRO B 301 -18.53 -25.12 -25.33
CA PRO B 301 -17.13 -25.63 -25.27
C PRO B 301 -16.14 -24.82 -26.09
N PHE B 302 -16.57 -24.20 -27.19
CA PHE B 302 -15.65 -23.37 -27.98
C PHE B 302 -15.21 -22.15 -27.19
N THR B 303 -16.12 -21.53 -26.43
CA THR B 303 -15.74 -20.40 -25.60
C THR B 303 -14.85 -20.85 -24.44
N ILE B 304 -15.15 -22.00 -23.85
CA ILE B 304 -14.34 -22.52 -22.75
C ILE B 304 -12.95 -22.91 -23.24
N ALA B 305 -12.86 -23.54 -24.42
CA ALA B 305 -11.56 -23.92 -24.96
C ALA B 305 -10.76 -22.70 -25.37
N ALA B 306 -11.44 -21.63 -25.80
CA ALA B 306 -10.72 -20.40 -26.14
C ALA B 306 -10.14 -19.74 -24.90
N GLU B 307 -10.88 -19.75 -23.80
CA GLU B 307 -10.39 -19.12 -22.57
C GLU B 307 -9.26 -19.91 -21.94
N LYS B 308 -9.34 -21.25 -22.01
CA LYS B 308 -8.31 -22.09 -21.39
C LYS B 308 -6.97 -21.95 -22.11
N VAL B 309 -6.98 -21.88 -23.44
CA VAL B 309 -5.73 -21.76 -24.18
C VAL B 309 -5.18 -20.34 -24.14
N TYR B 310 -6.01 -19.34 -23.84
CA TYR B 310 -5.55 -17.97 -23.79
C TYR B 310 -4.97 -17.60 -22.43
N ASN B 311 -5.54 -18.12 -21.35
CA ASN B 311 -5.07 -17.75 -20.02
C ASN B 311 -3.71 -18.37 -19.70
N THR B 312 -3.39 -19.50 -20.34
CA THR B 312 -2.07 -20.10 -20.14
C THR B 312 -0.98 -19.28 -20.81
N ARG B 313 -1.24 -18.78 -22.02
CA ARG B 313 -0.25 -17.96 -22.72
C ARG B 313 -0.12 -16.59 -22.07
N HIS B 314 -1.22 -16.06 -21.52
CA HIS B 314 -1.18 -14.76 -20.89
C HIS B 314 -0.39 -14.78 -19.59
N GLN B 315 -0.41 -15.92 -18.87
CA GLN B 315 0.34 -16.02 -17.64
C GLN B 315 1.84 -16.17 -17.88
N GLU B 316 2.22 -16.77 -19.02
CA GLU B 316 3.64 -16.90 -19.34
C GLU B 316 4.26 -15.56 -19.72
N VAL B 317 3.52 -14.76 -20.49
CA VAL B 317 4.03 -13.45 -20.91
C VAL B 317 4.15 -12.50 -19.73
N LEU B 318 3.21 -12.57 -18.78
CA LEU B 318 3.22 -11.67 -17.64
C LEU B 318 4.44 -11.90 -16.75
N ARG B 319 4.95 -13.13 -16.71
CA ARG B 319 6.19 -13.40 -15.99
C ARG B 319 7.37 -12.69 -16.66
N GLU B 320 7.41 -12.71 -18.00
CA GLU B 320 8.49 -12.05 -18.71
C GLU B 320 8.45 -10.54 -18.54
N ILE B 321 7.24 -9.97 -18.42
CA ILE B 321 7.10 -8.53 -18.23
C ILE B 321 7.62 -8.11 -16.86
N GLN B 322 7.34 -8.93 -15.83
CA GLN B 322 7.82 -8.62 -14.48
C GLN B 322 9.34 -8.70 -14.40
N ASP B 323 9.95 -9.61 -15.15
CA ASP B 323 11.41 -9.71 -15.15
C ASP B 323 12.03 -8.53 -15.89
N ALA B 324 11.43 -8.12 -17.01
CA ALA B 324 11.99 -6.99 -17.78
C ALA B 324 11.81 -5.68 -17.03
N VAL B 325 10.71 -5.53 -16.29
CA VAL B 325 10.53 -4.31 -15.51
C VAL B 325 11.39 -4.35 -14.25
N ALA B 326 11.85 -5.55 -13.85
CA ALA B 326 12.83 -5.63 -12.76
C ALA B 326 14.23 -5.28 -13.26
N ARG B 327 14.53 -5.61 -14.52
CA ARG B 327 15.82 -5.25 -15.10
C ARG B 327 15.89 -3.75 -15.36
N ALA B 328 14.77 -3.15 -15.76
CA ALA B 328 14.73 -1.69 -15.96
C ALA B 328 14.95 -0.96 -14.64
N GLY B 329 14.40 -1.49 -13.55
CA GLY B 329 14.62 -0.87 -12.26
C GLY B 329 16.02 -1.11 -11.72
N GLN B 330 16.71 -2.12 -12.26
CA GLN B 330 18.09 -2.39 -11.85
C GLN B 330 19.02 -1.26 -12.26
N VAL B 331 18.82 -0.70 -13.45
CA VAL B 331 19.64 0.43 -13.90
C VAL B 331 19.39 1.64 -13.02
N VAL B 332 18.14 1.88 -12.63
CA VAL B 332 17.82 3.04 -11.80
C VAL B 332 18.32 2.84 -10.36
N ARG B 333 18.42 1.61 -9.86
CA ARG B 333 19.12 1.41 -8.60
C ARG B 333 20.60 1.74 -8.72
N GLU B 334 21.21 1.41 -9.86
CA GLU B 334 22.64 1.63 -10.02
C GLU B 334 22.96 3.12 -10.22
N ALA B 335 22.14 3.82 -11.00
CA ALA B 335 22.50 5.18 -11.39
C ALA B 335 22.13 6.20 -10.32
N VAL B 336 20.92 6.11 -9.76
CA VAL B 336 20.46 7.13 -8.82
C VAL B 336 21.20 7.01 -7.49
N GLY B 337 21.37 5.79 -6.98
CA GLY B 337 21.99 5.61 -5.68
C GLY B 337 23.47 5.98 -5.68
N GLY B 338 24.16 5.69 -6.77
CA GLY B 338 25.58 5.97 -6.85
C GLY B 338 25.92 7.06 -7.84
N LEU B 339 25.12 8.14 -7.87
CA LEU B 339 25.29 9.18 -8.87
C LEU B 339 26.52 10.02 -8.56
N GLN B 340 26.99 9.98 -7.32
CA GLN B 340 28.22 10.68 -6.92
C GLN B 340 29.41 10.13 -7.69
N THR B 341 29.46 8.82 -7.90
CA THR B 341 30.50 8.19 -8.71
C THR B 341 30.27 8.45 -10.18
N VAL B 342 29.00 8.49 -10.60
CA VAL B 342 28.69 8.72 -12.01
C VAL B 342 28.99 10.16 -12.41
N ARG B 343 28.61 11.12 -11.57
CA ARG B 343 28.85 12.53 -11.89
C ARG B 343 30.34 12.86 -11.87
N SER B 344 31.09 12.21 -10.97
CA SER B 344 32.52 12.50 -10.86
C SER B 344 33.33 11.91 -12.00
N PHE B 345 32.72 11.09 -12.86
CA PHE B 345 33.41 10.53 -14.01
C PHE B 345 32.78 10.92 -15.34
N GLY B 346 31.71 11.71 -15.32
CA GLY B 346 31.08 12.17 -16.55
C GLY B 346 30.43 11.08 -17.37
N ALA B 347 29.69 10.18 -16.73
CA ALA B 347 29.05 9.07 -17.41
C ALA B 347 27.53 9.10 -17.20
N GLU B 348 26.97 10.31 -17.15
CA GLU B 348 25.52 10.42 -17.01
C GLU B 348 24.80 10.01 -18.29
N GLU B 349 25.44 10.23 -19.45
CA GLU B 349 24.84 9.81 -20.70
C GLU B 349 24.91 8.30 -20.89
N HIS B 350 25.83 7.63 -20.19
CA HIS B 350 25.88 6.17 -20.26
C HIS B 350 24.68 5.54 -19.57
N GLU B 351 24.23 6.13 -18.46
CA GLU B 351 23.05 5.60 -17.78
C GLU B 351 21.79 5.89 -18.58
N VAL B 352 21.78 7.00 -19.34
CA VAL B 352 20.65 7.29 -20.21
C VAL B 352 20.60 6.30 -21.37
N CYS B 353 21.77 6.00 -21.96
CA CYS B 353 21.82 5.06 -23.07
C CYS B 353 21.50 3.64 -22.60
N ARG B 354 21.95 3.26 -21.41
CA ARG B 354 21.67 1.92 -20.90
C ARG B 354 20.20 1.77 -20.52
N TYR B 355 19.52 2.87 -20.20
CA TYR B 355 18.10 2.78 -19.88
C TYR B 355 17.25 2.55 -21.12
N LYS B 356 17.76 2.92 -22.30
CA LYS B 356 17.00 2.72 -23.52
C LYS B 356 16.90 1.26 -23.91
N GLU B 357 17.95 0.47 -23.63
CA GLU B 357 17.88 -0.97 -23.90
C GLU B 357 16.86 -1.66 -23.01
N ALA B 358 16.78 -1.23 -21.74
CA ALA B 358 15.81 -1.83 -20.84
C ALA B 358 14.39 -1.41 -21.19
N LEU B 359 14.23 -0.21 -21.77
CA LEU B 359 12.90 0.23 -22.17
C LEU B 359 12.45 -0.47 -23.45
N GLU B 360 13.38 -0.76 -24.36
CA GLU B 360 13.02 -1.42 -25.61
C GLU B 360 12.60 -2.86 -25.38
N GLN B 361 13.25 -3.54 -24.43
CA GLN B 361 12.85 -4.91 -24.11
C GLN B 361 11.49 -4.95 -23.44
N CYS B 362 11.19 -3.95 -22.60
CA CYS B 362 9.87 -3.87 -22.01
C CYS B 362 8.81 -3.49 -23.04
N ARG B 363 9.22 -2.73 -24.06
CA ARG B 363 8.29 -2.33 -25.10
C ARG B 363 7.91 -3.52 -25.97
N GLN B 364 8.88 -4.34 -26.34
CA GLN B 364 8.61 -5.47 -27.22
C GLN B 364 7.74 -6.51 -26.52
N LEU B 365 7.93 -6.69 -25.22
CA LEU B 365 7.08 -7.61 -24.47
C LEU B 365 5.70 -7.03 -24.27
N TYR B 366 5.59 -5.70 -24.18
CA TYR B 366 4.28 -5.07 -24.09
C TYR B 366 3.51 -5.20 -25.40
N TRP B 367 4.21 -5.15 -26.53
CA TRP B 367 3.54 -5.30 -27.82
C TRP B 367 3.08 -6.73 -28.03
N ARG B 368 3.87 -7.71 -27.58
CA ARG B 368 3.48 -9.10 -27.69
C ARG B 368 2.28 -9.41 -26.81
N ARG B 369 2.21 -8.78 -25.64
CA ARG B 369 1.06 -8.96 -24.76
C ARG B 369 -0.20 -8.36 -25.37
N ASP B 370 -0.07 -7.22 -26.04
CA ASP B 370 -1.23 -6.57 -26.65
C ASP B 370 -1.66 -7.30 -27.93
N LEU B 371 -0.72 -7.95 -28.61
CA LEU B 371 -1.06 -8.66 -29.84
C LEU B 371 -1.82 -9.95 -29.53
N GLU B 372 -1.41 -10.68 -28.49
CA GLU B 372 -2.08 -11.92 -28.14
C GLU B 372 -3.46 -11.66 -27.56
N ARG B 373 -3.63 -10.53 -26.87
CA ARG B 373 -4.94 -10.19 -26.32
C ARG B 373 -5.91 -9.81 -27.43
N ALA B 374 -5.46 -9.03 -28.41
CA ALA B 374 -6.34 -8.58 -29.48
C ALA B 374 -6.71 -9.74 -30.41
N LEU B 375 -5.82 -10.72 -30.56
CA LEU B 375 -6.14 -11.88 -31.38
C LEU B 375 -7.18 -12.76 -30.72
N TYR B 376 -7.15 -12.84 -29.38
CA TYR B 376 -8.14 -13.64 -28.67
C TYR B 376 -9.53 -13.03 -28.77
N LEU B 377 -9.61 -11.70 -28.75
CA LEU B 377 -10.90 -11.03 -28.89
C LEU B 377 -11.47 -11.23 -30.30
N LEU B 378 -10.60 -11.27 -31.31
CA LEU B 378 -11.05 -11.48 -32.68
C LEU B 378 -11.60 -12.89 -32.87
N VAL B 379 -10.96 -13.88 -32.25
CA VAL B 379 -11.41 -15.27 -32.39
C VAL B 379 -12.74 -15.48 -31.67
N ARG B 380 -12.86 -14.93 -30.45
CA ARG B 380 -14.09 -15.09 -29.67
C ARG B 380 -15.27 -14.41 -30.35
N ARG B 381 -15.05 -13.22 -30.93
CA ARG B 381 -16.13 -12.49 -31.57
C ARG B 381 -16.57 -13.18 -32.86
N VAL B 382 -15.63 -13.77 -33.59
CA VAL B 382 -15.98 -14.50 -34.81
C VAL B 382 -16.74 -15.77 -34.48
N LEU B 383 -16.30 -16.50 -33.44
CA LEU B 383 -16.98 -17.74 -33.05
C LEU B 383 -18.36 -17.45 -32.48
N HIS B 384 -18.51 -16.32 -31.80
CA HIS B 384 -19.83 -15.92 -31.31
C HIS B 384 -20.74 -15.52 -32.48
N LEU B 385 -20.17 -14.90 -33.51
CA LEU B 385 -20.96 -14.47 -34.66
C LEU B 385 -21.45 -15.67 -35.46
N GLY B 386 -20.60 -16.70 -35.61
CA GLY B 386 -20.97 -17.83 -36.44
C GLY B 386 -22.15 -18.61 -35.90
N VAL B 387 -22.30 -18.61 -34.57
CA VAL B 387 -23.49 -19.22 -33.97
C VAL B 387 -24.72 -18.37 -34.24
N GLN B 388 -24.59 -17.05 -34.11
CA GLN B 388 -25.72 -16.14 -34.29
C GLN B 388 -26.23 -16.16 -35.73
N MET B 389 -25.30 -16.23 -36.70
CA MET B 389 -25.70 -16.39 -38.09
C MET B 389 -26.36 -17.74 -38.30
N LEU B 390 -25.85 -18.80 -37.66
CA LEU B 390 -26.46 -20.12 -37.78
C LEU B 390 -27.79 -20.18 -37.02
N MET B 391 -27.87 -19.53 -35.86
CA MET B 391 -29.13 -19.51 -35.11
C MET B 391 -30.22 -18.78 -35.87
N LEU B 392 -29.88 -17.66 -36.51
CA LEU B 392 -30.88 -16.91 -37.25
C LEU B 392 -31.31 -17.62 -38.52
N SER B 393 -30.36 -18.29 -39.19
CA SER B 393 -30.68 -18.97 -40.44
C SER B 393 -31.62 -20.14 -40.22
N CYS B 394 -31.44 -20.87 -39.12
CA CYS B 394 -32.42 -21.90 -38.77
C CYS B 394 -33.69 -21.27 -38.21
N GLY B 395 -33.60 -20.04 -37.68
CA GLY B 395 -34.79 -19.36 -37.20
C GLY B 395 -35.74 -18.94 -38.31
N LEU B 396 -35.18 -18.40 -39.40
CA LEU B 396 -36.01 -17.98 -40.53
C LEU B 396 -36.65 -19.18 -41.23
N GLN B 397 -35.92 -20.30 -41.30
CA GLN B 397 -36.48 -21.48 -41.96
C GLN B 397 -37.57 -22.15 -41.15
N GLN B 398 -37.43 -22.20 -39.82
CA GLN B 398 -38.46 -22.82 -39.00
C GLN B 398 -39.70 -21.94 -38.88
N MET B 399 -39.54 -20.63 -38.72
CA MET B 399 -40.67 -19.73 -38.57
C MET B 399 -41.44 -19.57 -39.88
N GLN B 400 -40.80 -19.80 -41.02
CA GLN B 400 -41.51 -19.79 -42.30
C GLN B 400 -42.55 -20.89 -42.38
N ASP B 401 -42.23 -22.09 -41.88
CA ASP B 401 -43.12 -23.22 -41.97
C ASP B 401 -44.27 -23.16 -40.98
N GLY B 402 -44.14 -22.42 -39.88
CA GLY B 402 -45.23 -22.19 -38.97
C GLY B 402 -45.08 -22.70 -37.55
N GLU B 403 -43.86 -22.99 -37.09
CA GLU B 403 -43.62 -23.41 -35.72
C GLU B 403 -43.03 -22.29 -34.87
N LEU B 404 -43.05 -21.06 -35.37
CA LEU B 404 -42.53 -19.91 -34.64
C LEU B 404 -43.23 -18.66 -35.12
N THR B 405 -43.15 -17.61 -34.31
CA THR B 405 -43.72 -16.31 -34.63
C THR B 405 -42.62 -15.26 -34.60
N GLN B 406 -42.98 -14.05 -35.04
CA GLN B 406 -42.01 -12.96 -35.04
C GLN B 406 -41.59 -12.57 -33.63
N GLY B 407 -42.55 -12.52 -32.69
CA GLY B 407 -42.21 -12.16 -31.33
C GLY B 407 -41.45 -13.25 -30.60
N SER B 408 -41.60 -14.50 -31.04
CA SER B 408 -40.84 -15.59 -30.43
C SER B 408 -39.35 -15.47 -30.77
N LEU B 409 -39.04 -15.02 -31.98
CA LEU B 409 -37.65 -14.79 -32.36
C LEU B 409 -37.04 -13.64 -31.58
N LEU B 410 -37.81 -12.58 -31.35
CA LEU B 410 -37.31 -11.45 -30.55
C LEU B 410 -37.10 -11.87 -29.11
N SER B 411 -37.99 -12.71 -28.57
CA SER B 411 -37.81 -13.23 -27.22
C SER B 411 -36.60 -14.15 -27.14
N PHE B 412 -36.34 -14.91 -28.21
CA PHE B 412 -35.20 -15.80 -28.21
C PHE B 412 -33.89 -15.05 -28.36
N MET B 413 -33.89 -13.95 -29.14
CA MET B 413 -32.67 -13.19 -29.35
C MET B 413 -32.25 -12.42 -28.09
N ILE B 414 -33.21 -11.84 -27.39
CA ILE B 414 -32.91 -11.12 -26.15
C ILE B 414 -32.46 -12.08 -25.07
N TYR B 415 -33.09 -13.26 -24.99
CA TYR B 415 -32.73 -14.26 -24.01
C TYR B 415 -31.32 -14.80 -24.24
N GLN B 416 -30.94 -15.00 -25.50
CA GLN B 416 -29.68 -15.67 -25.80
C GLN B 416 -28.47 -14.80 -25.49
N GLU B 417 -28.61 -13.48 -25.58
CA GLU B 417 -27.47 -12.60 -25.30
C GLU B 417 -27.19 -12.51 -23.81
N SER B 418 -28.19 -12.79 -22.96
CA SER B 418 -28.00 -12.67 -21.53
C SER B 418 -27.22 -13.84 -20.95
N VAL B 419 -27.38 -15.04 -21.52
CA VAL B 419 -26.79 -16.24 -20.93
C VAL B 419 -25.27 -16.26 -21.14
N GLY B 420 -24.78 -15.57 -22.17
CA GLY B 420 -23.36 -15.66 -22.50
C GLY B 420 -22.45 -15.11 -21.43
N SER B 421 -22.81 -13.97 -20.83
CA SER B 421 -21.99 -13.40 -19.77
C SER B 421 -22.17 -14.13 -18.44
N TYR B 422 -23.39 -14.56 -18.13
CA TYR B 422 -23.67 -15.10 -16.80
C TYR B 422 -23.13 -16.51 -16.63
N VAL B 423 -22.95 -17.25 -17.72
CA VAL B 423 -22.36 -18.59 -17.59
C VAL B 423 -20.86 -18.48 -17.37
N GLN B 424 -20.25 -17.37 -17.80
CA GLN B 424 -18.82 -17.19 -17.58
C GLN B 424 -18.51 -16.78 -16.14
N THR B 425 -19.41 -16.02 -15.52
CA THR B 425 -19.26 -15.72 -14.10
C THR B 425 -19.43 -16.98 -13.25
N LEU B 426 -20.38 -17.84 -13.63
CA LEU B 426 -20.66 -19.05 -12.86
C LEU B 426 -19.48 -20.02 -12.89
N VAL B 427 -18.80 -20.15 -14.03
CA VAL B 427 -17.72 -21.11 -14.15
C VAL B 427 -16.45 -20.67 -13.43
N TYR B 428 -16.34 -19.40 -13.05
CA TYR B 428 -15.14 -18.85 -12.43
C TYR B 428 -15.48 -18.12 -11.14
N ILE B 429 -16.30 -18.75 -10.29
CA ILE B 429 -16.68 -18.15 -9.02
C ILE B 429 -15.89 -18.81 -7.89
N TYR B 430 -15.55 -20.09 -8.07
CA TYR B 430 -14.84 -20.81 -7.02
C TYR B 430 -13.40 -20.33 -6.89
N GLY B 431 -12.78 -19.96 -8.01
CA GLY B 431 -11.44 -19.40 -7.96
C GLY B 431 -11.39 -18.04 -7.29
N ASP B 432 -12.39 -17.20 -7.56
CA ASP B 432 -12.42 -15.87 -6.95
C ASP B 432 -12.77 -15.94 -5.47
N MET B 433 -13.65 -16.88 -5.09
CA MET B 433 -14.06 -16.99 -3.69
C MET B 433 -12.91 -17.45 -2.81
N LEU B 434 -12.11 -18.41 -3.28
CA LEU B 434 -10.98 -18.89 -2.48
C LEU B 434 -9.84 -17.89 -2.45
N SER B 435 -9.71 -17.07 -3.49
CA SER B 435 -8.66 -16.06 -3.51
C SER B 435 -8.95 -14.93 -2.51
N ASN B 436 -10.22 -14.55 -2.38
CA ASN B 436 -10.60 -13.48 -1.47
C ASN B 436 -10.74 -13.95 -0.02
N VAL B 437 -10.80 -15.27 0.20
CA VAL B 437 -11.01 -15.77 1.56
C VAL B 437 -9.70 -15.84 2.34
N GLY B 438 -8.56 -15.64 1.69
CA GLY B 438 -7.28 -15.75 2.36
C GLY B 438 -6.88 -14.52 3.17
N ALA B 439 -7.78 -14.04 4.02
CA ALA B 439 -7.49 -12.93 4.89
C ALA B 439 -7.99 -13.14 6.31
N ALA B 440 -8.65 -14.26 6.60
CA ALA B 440 -9.17 -14.55 7.92
C ALA B 440 -8.25 -15.40 8.77
N GLU B 441 -7.03 -15.67 8.30
CA GLU B 441 -6.10 -16.51 9.06
C GLU B 441 -5.59 -15.77 10.31
N LYS B 442 -5.30 -14.48 10.17
CA LYS B 442 -4.73 -13.73 11.28
C LYS B 442 -5.75 -13.49 12.39
N VAL B 443 -6.99 -13.20 12.01
CA VAL B 443 -8.03 -12.96 13.01
C VAL B 443 -8.39 -14.25 13.74
N PHE B 444 -8.48 -15.37 13.00
CA PHE B 444 -8.87 -16.64 13.61
C PHE B 444 -7.76 -17.21 14.48
N SER B 445 -6.50 -16.90 14.17
CA SER B 445 -5.39 -17.35 15.00
C SER B 445 -5.32 -16.59 16.31
N TYR B 446 -5.63 -15.29 16.28
CA TYR B 446 -5.61 -14.49 17.50
C TYR B 446 -6.72 -14.89 18.47
N MET B 447 -7.88 -15.29 17.94
CA MET B 447 -8.99 -15.66 18.81
C MET B 447 -8.78 -17.03 19.43
N ASP B 448 -8.29 -17.99 18.66
CA ASP B 448 -8.27 -19.39 19.06
C ASP B 448 -6.93 -19.83 19.64
N ARG B 449 -5.98 -18.91 19.81
CA ARG B 449 -4.71 -19.28 20.42
C ARG B 449 -4.90 -19.56 21.91
N GLN B 450 -4.02 -20.40 22.46
CA GLN B 450 -4.21 -20.87 23.82
C GLN B 450 -3.58 -19.90 24.81
N PRO B 451 -4.29 -19.54 25.88
CA PRO B 451 -3.71 -18.63 26.88
C PRO B 451 -2.72 -19.35 27.79
N ASN B 452 -1.89 -18.54 28.46
CA ASN B 452 -0.88 -19.04 29.38
C ASN B 452 -1.28 -18.86 30.84
N LEU B 453 -2.52 -18.48 31.12
CA LEU B 453 -2.95 -18.26 32.49
C LEU B 453 -3.13 -19.61 33.20
N PRO B 454 -2.83 -19.69 34.49
CA PRO B 454 -3.02 -20.93 35.23
C PRO B 454 -4.50 -21.12 35.60
N SER B 455 -4.77 -22.22 36.29
CA SER B 455 -6.14 -22.57 36.67
C SER B 455 -6.55 -21.79 37.91
N PRO B 456 -7.67 -21.07 37.87
CA PRO B 456 -8.15 -20.35 39.05
C PRO B 456 -8.85 -21.30 40.02
N GLY B 457 -9.37 -20.73 41.09
CA GLY B 457 -10.02 -21.52 42.11
C GLY B 457 -10.76 -20.65 43.11
N THR B 458 -10.98 -21.20 44.29
CA THR B 458 -11.69 -20.53 45.36
C THR B 458 -10.77 -20.28 46.56
N LEU B 459 -11.20 -19.35 47.42
CA LEU B 459 -10.45 -19.02 48.63
C LEU B 459 -11.39 -19.02 49.82
N ALA B 460 -10.93 -18.49 50.96
CA ALA B 460 -11.78 -18.29 52.12
C ALA B 460 -12.01 -16.79 52.33
N PRO B 461 -13.09 -16.23 51.80
CA PRO B 461 -13.34 -14.79 51.94
C PRO B 461 -14.09 -14.37 53.20
N THR B 462 -14.26 -15.28 54.17
CA THR B 462 -14.99 -14.93 55.38
C THR B 462 -14.18 -13.99 56.26
N THR B 463 -13.02 -14.46 56.73
CA THR B 463 -12.12 -13.65 57.52
C THR B 463 -10.72 -13.78 56.96
N LEU B 464 -10.01 -12.66 56.83
CA LEU B 464 -8.66 -12.65 56.29
C LEU B 464 -7.68 -12.23 57.38
N GLN B 465 -6.63 -13.03 57.57
CA GLN B 465 -5.64 -12.76 58.60
C GLN B 465 -4.61 -11.72 58.17
N GLY B 466 -4.54 -11.39 56.88
CA GLY B 466 -3.65 -10.36 56.39
C GLY B 466 -2.16 -10.65 56.55
N VAL B 467 -1.74 -11.86 56.16
CA VAL B 467 -0.34 -12.24 56.22
C VAL B 467 0.08 -12.73 54.84
N VAL B 468 1.33 -12.42 54.47
CA VAL B 468 1.91 -12.83 53.19
C VAL B 468 3.28 -13.42 53.48
N LYS B 469 3.54 -14.62 52.97
CA LYS B 469 4.82 -15.28 53.15
C LYS B 469 5.48 -15.52 51.80
N PHE B 470 6.81 -15.47 51.79
CA PHE B 470 7.59 -15.51 50.57
C PHE B 470 8.83 -16.36 50.81
N GLN B 471 9.16 -17.22 49.84
CA GLN B 471 10.38 -18.04 49.98
C GLN B 471 10.88 -18.48 48.61
N ASP B 472 12.18 -18.31 48.39
CA ASP B 472 12.95 -18.93 47.30
C ASP B 472 12.41 -18.59 45.92
N VAL B 473 12.41 -17.30 45.61
CA VAL B 473 11.95 -16.80 44.32
C VAL B 473 13.10 -16.91 43.30
N SER B 474 12.79 -17.45 42.13
CA SER B 474 13.70 -17.46 41.00
C SER B 474 12.96 -17.07 39.74
N PHE B 475 12.16 -16.00 39.83
CA PHE B 475 11.29 -15.60 38.73
C PHE B 475 12.08 -15.05 37.56
N ALA B 476 11.67 -15.45 36.37
CA ALA B 476 12.19 -14.91 35.12
C ALA B 476 11.00 -14.64 34.19
N TYR B 477 11.16 -13.65 33.33
CA TYR B 477 10.09 -13.32 32.40
C TYR B 477 9.92 -14.44 31.37
N PRO B 478 8.67 -14.83 31.07
CA PRO B 478 8.45 -15.78 29.97
C PRO B 478 8.90 -15.26 28.62
N ASN B 479 8.91 -13.94 28.43
CA ASN B 479 9.38 -13.36 27.18
C ASN B 479 10.89 -13.54 27.02
N ARG B 480 11.64 -13.41 28.11
CA ARG B 480 13.10 -13.55 28.11
C ARG B 480 13.52 -14.53 29.21
N PRO B 481 13.33 -15.84 29.00
CA PRO B 481 13.70 -16.79 30.06
C PRO B 481 15.20 -16.97 30.22
N ASP B 482 16.00 -16.57 29.24
CA ASP B 482 17.44 -16.76 29.32
C ASP B 482 18.09 -15.85 30.36
N ARG B 483 17.62 -14.61 30.47
CA ARG B 483 18.19 -13.67 31.44
C ARG B 483 17.30 -13.53 32.67
N PRO B 484 17.75 -13.94 33.85
CA PRO B 484 16.93 -13.82 35.04
C PRO B 484 16.94 -12.40 35.60
N VAL B 485 15.95 -12.13 36.45
CA VAL B 485 15.81 -10.83 37.10
C VAL B 485 15.94 -10.94 38.62
N LEU B 486 15.36 -11.98 39.22
CA LEU B 486 15.36 -12.14 40.67
C LEU B 486 16.01 -13.47 41.06
N LYS B 487 16.86 -13.42 42.08
CA LYS B 487 17.50 -14.60 42.63
C LYS B 487 16.84 -14.96 43.97
N GLY B 488 17.35 -16.02 44.59
CA GLY B 488 16.77 -16.57 45.80
C GLY B 488 16.77 -15.65 47.00
N LEU B 489 15.60 -15.12 47.35
CA LEU B 489 15.43 -14.27 48.52
C LEU B 489 14.14 -14.64 49.22
N THR B 490 14.10 -14.42 50.53
CA THR B 490 12.92 -14.69 51.33
C THR B 490 12.67 -13.54 52.28
N PHE B 491 11.40 -13.21 52.48
CA PHE B 491 10.97 -12.15 53.40
C PHE B 491 9.51 -12.40 53.75
N THR B 492 9.04 -11.69 54.77
CA THR B 492 7.67 -11.87 55.23
C THR B 492 7.03 -10.52 55.48
N LEU B 493 5.69 -10.50 55.39
CA LEU B 493 4.90 -9.31 55.68
C LEU B 493 4.01 -9.61 56.88
N ARG B 494 3.97 -8.67 57.82
CA ARG B 494 3.25 -8.84 59.07
C ARG B 494 2.09 -7.84 59.16
N PRO B 495 0.98 -8.20 59.82
CA PRO B 495 -0.16 -7.28 59.91
C PRO B 495 0.14 -5.98 60.63
N GLY B 496 1.01 -5.99 61.63
CA GLY B 496 1.34 -4.80 62.38
C GLY B 496 2.65 -4.13 62.00
N GLU B 497 3.22 -4.48 60.85
CA GLU B 497 4.53 -3.98 60.46
C GLU B 497 4.50 -3.44 59.04
N VAL B 498 5.48 -2.59 58.73
CA VAL B 498 5.65 -2.01 57.42
C VAL B 498 7.10 -2.19 56.99
N THR B 499 7.31 -2.55 55.72
CA THR B 499 8.64 -2.82 55.19
C THR B 499 9.01 -1.78 54.14
N ALA B 500 10.30 -1.77 53.79
CA ALA B 500 10.83 -0.87 52.78
C ALA B 500 11.79 -1.61 51.87
N LEU B 501 11.73 -1.30 50.58
CA LEU B 501 12.60 -1.91 49.56
C LEU B 501 13.39 -0.82 48.87
N VAL B 502 14.72 -0.92 48.93
CA VAL B 502 15.62 0.06 48.33
C VAL B 502 16.54 -0.66 47.35
N GLY B 503 16.61 -0.15 46.12
CA GLY B 503 17.50 -0.69 45.11
C GLY B 503 17.91 0.39 44.13
N PRO B 504 19.17 0.34 43.66
CA PRO B 504 19.68 1.43 42.80
C PRO B 504 18.99 1.54 41.45
N ASN B 505 19.05 0.47 40.64
CA ASN B 505 18.47 0.46 39.30
C ASN B 505 18.49 -0.95 38.72
N GLY B 506 17.37 -1.37 38.13
CA GLY B 506 17.31 -2.64 37.42
C GLY B 506 17.51 -3.87 38.28
N SER B 507 17.26 -3.77 39.58
CA SER B 507 17.46 -4.89 40.50
C SER B 507 16.15 -5.56 40.89
N GLY B 508 15.05 -5.22 40.24
CA GLY B 508 13.76 -5.80 40.57
C GLY B 508 12.98 -4.95 41.54
N LYS B 509 12.82 -3.67 41.24
CA LYS B 509 12.08 -2.77 42.13
C LYS B 509 10.59 -3.06 42.08
N SER B 510 9.98 -2.95 40.91
CA SER B 510 8.57 -3.27 40.72
C SER B 510 8.36 -4.72 40.29
N THR B 511 9.43 -5.48 40.07
CA THR B 511 9.30 -6.88 39.68
C THR B 511 8.74 -7.72 40.82
N VAL B 512 9.16 -7.43 42.05
CA VAL B 512 8.63 -8.15 43.21
C VAL B 512 7.16 -7.77 43.42
N ALA B 513 6.79 -6.52 43.14
CA ALA B 513 5.41 -6.10 43.30
C ALA B 513 4.49 -6.76 42.27
N ALA B 514 5.03 -7.17 41.13
CA ALA B 514 4.22 -7.85 40.13
C ALA B 514 3.88 -9.27 40.55
N LEU B 515 4.73 -9.89 41.37
CA LEU B 515 4.48 -11.27 41.80
C LEU B 515 3.41 -11.35 42.87
N LEU B 516 3.32 -10.35 43.75
CA LEU B 516 2.38 -10.39 44.86
C LEU B 516 0.93 -10.27 44.39
N GLN B 517 0.67 -9.46 43.35
CA GLN B 517 -0.68 -9.21 42.88
C GLN B 517 -1.16 -10.22 41.86
N ASN B 518 -0.42 -11.34 41.69
CA ASN B 518 -0.70 -12.36 40.68
C ASN B 518 -0.73 -11.79 39.27
N LEU B 519 0.06 -10.74 39.03
CA LEU B 519 0.22 -10.22 37.68
C LEU B 519 1.14 -11.10 36.84
N TYR B 520 2.15 -11.69 37.47
CA TYR B 520 3.06 -12.63 36.82
C TYR B 520 3.28 -13.83 37.74
N GLN B 521 3.43 -15.00 37.13
CA GLN B 521 3.65 -16.19 37.91
C GLN B 521 5.13 -16.58 37.93
N PRO B 522 5.65 -17.05 39.06
CA PRO B 522 7.08 -17.36 39.14
C PRO B 522 7.41 -18.64 38.39
N THR B 523 8.57 -18.63 37.72
CA THR B 523 9.11 -19.83 37.11
C THR B 523 9.98 -20.63 38.07
N GLY B 524 10.26 -20.10 39.26
CA GLY B 524 10.97 -20.83 40.29
C GLY B 524 10.54 -20.39 41.67
N GLY B 525 10.08 -21.34 42.49
CA GLY B 525 9.51 -21.01 43.77
C GLY B 525 8.09 -20.49 43.66
N GLN B 526 7.56 -20.03 44.79
CA GLN B 526 6.18 -19.58 44.84
C GLN B 526 6.01 -18.54 45.94
N VAL B 527 4.91 -17.81 45.86
CA VAL B 527 4.49 -16.84 46.87
C VAL B 527 3.33 -17.44 47.66
N LEU B 528 3.41 -17.34 48.99
CA LEU B 528 2.39 -17.88 49.88
C LEU B 528 1.52 -16.77 50.46
N LEU B 529 0.33 -17.16 50.92
CA LEU B 529 -0.55 -16.23 51.64
C LEU B 529 -1.34 -17.07 52.63
N ASP B 530 -0.84 -17.11 53.88
CA ASP B 530 -1.41 -17.91 54.98
C ASP B 530 -1.48 -19.40 54.59
N GLU B 531 -0.29 -19.97 54.34
CA GLU B 531 -0.07 -21.39 54.08
C GLU B 531 -0.81 -21.90 52.84
N LYS B 532 -0.96 -21.05 51.82
CA LYS B 532 -1.51 -21.47 50.53
C LYS B 532 -1.02 -20.51 49.46
N PRO B 533 -0.78 -20.99 48.23
CA PRO B 533 -0.22 -20.11 47.19
C PRO B 533 -1.20 -19.10 46.64
N ILE B 534 -0.77 -18.35 45.63
CA ILE B 534 -1.58 -17.27 45.07
C ILE B 534 -2.31 -17.69 43.79
N SER B 535 -1.92 -18.79 43.15
CA SER B 535 -2.54 -19.18 41.89
C SER B 535 -3.95 -19.71 42.10
N GLN B 536 -4.23 -20.29 43.27
CA GLN B 536 -5.54 -20.84 43.57
C GLN B 536 -6.54 -19.79 44.06
N TYR B 537 -6.11 -18.55 44.22
CA TYR B 537 -7.03 -17.48 44.59
C TYR B 537 -7.92 -17.10 43.41
N GLU B 538 -9.09 -16.57 43.72
CA GLU B 538 -10.04 -16.19 42.67
C GLU B 538 -9.57 -14.92 41.97
N HIS B 539 -10.18 -14.66 40.81
CA HIS B 539 -9.82 -13.50 40.00
C HIS B 539 -10.27 -12.18 40.62
N CYS B 540 -11.26 -12.20 41.52
CA CYS B 540 -11.89 -10.97 41.99
C CYS B 540 -11.44 -10.57 43.39
N TYR B 541 -11.55 -11.48 44.36
CA TYR B 541 -11.33 -11.08 45.75
C TYR B 541 -9.86 -10.86 46.07
N LEU B 542 -8.96 -11.51 45.31
CA LEU B 542 -7.53 -11.31 45.55
C LEU B 542 -7.10 -9.90 45.13
N HIS B 543 -7.55 -9.44 43.96
CA HIS B 543 -7.16 -8.13 43.48
C HIS B 543 -7.91 -7.00 44.17
N SER B 544 -9.08 -7.28 44.76
CA SER B 544 -9.78 -6.24 45.51
C SER B 544 -9.11 -5.97 46.85
N GLN B 545 -8.37 -6.95 47.38
CA GLN B 545 -7.68 -6.77 48.64
C GLN B 545 -6.22 -6.34 48.48
N VAL B 546 -5.66 -6.45 47.28
CA VAL B 546 -4.28 -6.05 47.01
C VAL B 546 -4.28 -5.21 45.75
N VAL B 547 -4.00 -3.91 45.89
CA VAL B 547 -3.80 -3.02 44.76
C VAL B 547 -2.49 -2.28 44.97
N SER B 548 -1.99 -1.68 43.89
CA SER B 548 -0.70 -1.00 43.94
C SER B 548 -0.71 0.20 43.00
N VAL B 549 0.18 1.14 43.27
CA VAL B 549 0.37 2.33 42.44
C VAL B 549 1.82 2.36 41.97
N GLY B 550 2.04 2.95 40.81
CA GLY B 550 3.36 2.93 40.21
C GLY B 550 3.90 4.29 39.81
N GLN B 551 5.01 4.31 39.08
CA GLN B 551 5.59 5.56 38.63
C GLN B 551 4.78 6.21 37.52
N GLU B 552 4.07 5.40 36.73
CA GLU B 552 3.26 5.90 35.62
C GLU B 552 1.83 5.48 35.96
N PRO B 553 1.07 6.32 36.64
CA PRO B 553 -0.35 6.03 36.89
C PRO B 553 -1.18 6.31 35.65
N VAL B 554 -1.65 5.26 34.99
CA VAL B 554 -2.39 5.41 33.75
C VAL B 554 -3.78 5.95 34.04
N LEU B 555 -4.14 7.03 33.37
CA LEU B 555 -5.44 7.67 33.52
C LEU B 555 -6.29 7.32 32.32
N PHE B 556 -7.43 6.68 32.56
CA PHE B 556 -8.29 6.20 31.49
C PHE B 556 -9.32 7.25 31.11
N SER B 557 -9.92 7.06 29.94
CA SER B 557 -10.89 8.00 29.41
C SER B 557 -12.16 8.00 30.26
N GLY B 558 -12.68 9.19 30.51
CA GLY B 558 -13.89 9.35 31.30
C GLY B 558 -13.73 10.50 32.27
N SER B 559 -14.61 10.53 33.26
CA SER B 559 -14.62 11.59 34.25
C SER B 559 -13.64 11.27 35.38
N VAL B 560 -13.54 12.21 36.33
CA VAL B 560 -12.70 11.98 37.51
C VAL B 560 -13.33 10.93 38.41
N ARG B 561 -14.66 10.98 38.58
CA ARG B 561 -15.34 10.00 39.42
C ARG B 561 -15.24 8.60 38.83
N ASN B 562 -15.31 8.48 37.51
CA ASN B 562 -15.18 7.16 36.89
C ASN B 562 -13.77 6.61 37.02
N ASN B 563 -12.76 7.48 37.04
CA ASN B 563 -11.38 7.04 37.18
C ASN B 563 -10.93 6.92 38.63
N ILE B 564 -11.64 7.57 39.57
CA ILE B 564 -11.35 7.38 40.98
C ILE B 564 -11.78 5.98 41.42
N ALA B 565 -12.97 5.56 41.00
CA ALA B 565 -13.55 4.30 41.46
C ALA B 565 -13.55 3.25 40.35
N TYR B 566 -12.47 3.21 39.56
CA TYR B 566 -12.35 2.19 38.53
C TYR B 566 -12.08 0.85 39.18
N GLY B 567 -12.69 -0.21 38.64
CA GLY B 567 -12.63 -1.52 39.23
C GLY B 567 -13.78 -1.86 40.14
N LEU B 568 -14.60 -0.89 40.51
CA LEU B 568 -15.74 -1.10 41.39
C LEU B 568 -17.01 -1.21 40.54
N GLN B 569 -17.84 -2.20 40.84
CA GLN B 569 -19.08 -2.38 40.11
C GLN B 569 -20.07 -1.25 40.44
N SER B 570 -20.27 -0.97 41.71
CA SER B 570 -21.21 0.04 42.16
C SER B 570 -20.81 0.49 43.56
N CYS B 571 -21.73 1.17 44.25
CA CYS B 571 -21.56 1.66 45.62
C CYS B 571 -20.38 2.61 45.75
N GLU B 572 -20.13 3.39 44.70
CA GLU B 572 -19.10 4.43 44.75
C GLU B 572 -19.67 5.81 45.02
N ASP B 573 -20.98 5.98 44.91
CA ASP B 573 -21.63 7.27 45.11
C ASP B 573 -21.60 7.73 46.57
N ASP B 574 -21.25 6.86 47.51
CA ASP B 574 -21.18 7.20 48.92
C ASP B 574 -19.79 6.99 49.49
N LYS B 575 -18.77 6.84 48.64
CA LYS B 575 -17.41 6.57 49.09
C LYS B 575 -16.36 7.47 48.45
N VAL B 576 -16.65 8.13 47.33
CA VAL B 576 -15.64 8.93 46.64
C VAL B 576 -15.30 10.18 47.44
N MET B 577 -16.30 10.80 48.08
CA MET B 577 -16.06 12.07 48.77
C MET B 577 -15.26 11.90 50.05
N ALA B 578 -15.20 10.68 50.61
CA ALA B 578 -14.43 10.45 51.82
C ALA B 578 -13.05 9.86 51.56
N ALA B 579 -12.77 9.42 50.33
CA ALA B 579 -11.49 8.82 50.00
C ALA B 579 -10.63 9.68 49.08
N ALA B 580 -11.23 10.65 48.38
CA ALA B 580 -10.46 11.53 47.51
C ALA B 580 -9.69 12.59 48.28
N GLN B 581 -10.04 12.84 49.54
CA GLN B 581 -9.36 13.82 50.37
C GLN B 581 -8.23 13.22 51.19
N ALA B 582 -7.61 12.15 50.71
CA ALA B 582 -6.58 11.46 51.48
C ALA B 582 -5.28 12.24 51.51
N ALA B 583 -4.86 12.79 50.37
CA ALA B 583 -3.51 13.33 50.25
C ALA B 583 -3.41 14.74 50.85
N HIS B 584 -4.15 15.69 50.31
CA HIS B 584 -4.09 17.07 50.79
C HIS B 584 -5.47 17.73 50.67
N ALA B 585 -6.49 17.01 51.14
CA ALA B 585 -7.91 17.40 51.09
C ALA B 585 -8.28 17.62 49.62
N ASP B 586 -8.92 18.72 49.26
CA ASP B 586 -9.29 18.97 47.86
C ASP B 586 -9.11 20.45 47.56
N ASP B 587 -8.13 20.76 46.70
CA ASP B 587 -7.92 22.13 46.24
C ASP B 587 -7.83 22.15 44.72
N PHE B 588 -7.35 21.06 44.12
CA PHE B 588 -7.27 20.99 42.67
C PHE B 588 -8.64 20.78 42.05
N ILE B 589 -9.47 19.93 42.64
CA ILE B 589 -10.80 19.67 42.10
C ILE B 589 -11.82 20.69 42.63
N GLN B 590 -11.70 21.09 43.90
CA GLN B 590 -12.65 22.01 44.51
C GLN B 590 -12.62 23.41 43.88
N GLU B 591 -11.52 23.79 43.23
CA GLU B 591 -11.39 25.16 42.74
C GLU B 591 -12.25 25.43 41.51
N MET B 592 -12.57 24.39 40.74
CA MET B 592 -13.35 24.56 39.51
C MET B 592 -14.42 23.51 39.41
N GLU B 593 -15.57 23.88 38.82
CA GLU B 593 -16.71 23.05 38.49
C GLU B 593 -17.48 22.53 39.72
N HIS B 594 -16.98 22.81 40.95
CA HIS B 594 -17.54 22.43 42.24
C HIS B 594 -18.06 21.00 42.31
N GLY B 595 -17.37 20.08 41.66
CA GLY B 595 -17.83 18.69 41.64
C GLY B 595 -16.75 17.77 41.13
N ILE B 596 -17.03 16.47 41.26
CA ILE B 596 -16.10 15.43 40.83
C ILE B 596 -16.36 15.02 39.38
N TYR B 597 -17.36 15.60 38.73
CA TYR B 597 -17.75 15.20 37.39
C TYR B 597 -17.00 15.95 36.29
N THR B 598 -15.83 16.49 36.61
CA THR B 598 -15.00 17.16 35.60
C THR B 598 -14.40 16.12 34.68
N ASP B 599 -14.55 16.31 33.38
CA ASP B 599 -14.00 15.38 32.40
C ASP B 599 -12.48 15.49 32.36
N VAL B 600 -11.85 14.41 31.88
CA VAL B 600 -10.39 14.33 31.78
C VAL B 600 -9.95 14.19 30.33
N GLY B 601 -10.47 13.19 29.62
CA GLY B 601 -10.06 12.93 28.26
C GLY B 601 -9.08 11.78 28.16
N GLU B 602 -8.17 11.85 27.19
CA GLU B 602 -7.18 10.79 26.98
C GLU B 602 -6.01 11.00 27.94
N LYS B 603 -4.97 10.17 27.79
CA LYS B 603 -3.76 10.36 28.57
C LYS B 603 -3.02 11.60 28.08
N GLY B 604 -2.35 12.29 29.00
CA GLY B 604 -1.78 13.58 28.70
C GLY B 604 -2.84 14.67 28.73
N SER B 605 -3.44 14.87 29.90
CA SER B 605 -4.60 15.74 30.06
C SER B 605 -4.36 16.79 31.13
N GLN B 606 -5.43 17.46 31.55
CA GLN B 606 -5.38 18.62 32.45
C GLN B 606 -5.15 18.24 33.91
N LEU B 607 -4.69 17.03 34.21
CA LEU B 607 -4.42 16.65 35.58
C LEU B 607 -3.25 17.46 36.13
N ALA B 608 -3.45 18.06 37.31
CA ALA B 608 -2.41 18.84 37.98
C ALA B 608 -2.32 18.52 39.46
N ALA B 609 -2.97 17.46 39.93
CA ALA B 609 -2.93 17.08 41.34
C ALA B 609 -1.70 16.22 41.56
N GLY B 610 -0.55 16.89 41.66
CA GLY B 610 0.72 16.20 41.84
C GLY B 610 1.12 15.35 40.66
N GLN B 611 0.84 15.80 39.44
CA GLN B 611 1.05 15.06 38.19
C GLN B 611 0.33 13.71 38.23
N LYS B 612 -1.01 13.79 38.31
CA LYS B 612 -1.97 12.67 38.35
C LYS B 612 -1.55 11.55 39.31
N GLN B 613 -0.90 11.93 40.41
CA GLN B 613 -0.53 10.99 41.45
C GLN B 613 -1.49 11.00 42.63
N ARG B 614 -2.03 12.17 42.99
CA ARG B 614 -3.03 12.25 44.04
C ARG B 614 -4.31 11.51 43.64
N LEU B 615 -4.65 11.55 42.35
CA LEU B 615 -5.84 10.85 41.89
C LEU B 615 -5.65 9.34 41.94
N ALA B 616 -4.43 8.87 41.72
CA ALA B 616 -4.17 7.43 41.71
C ALA B 616 -4.16 6.85 43.12
N ILE B 617 -3.58 7.55 44.09
CA ILE B 617 -3.55 7.03 45.45
C ILE B 617 -4.95 7.07 46.06
N ALA B 618 -5.73 8.11 45.77
CA ALA B 618 -7.11 8.16 46.25
C ALA B 618 -7.96 7.07 45.63
N ARG B 619 -7.59 6.63 44.42
CA ARG B 619 -8.24 5.47 43.82
C ARG B 619 -7.95 4.20 44.61
N ALA B 620 -6.73 4.08 45.14
CA ALA B 620 -6.34 2.88 45.87
C ALA B 620 -7.07 2.77 47.20
N LEU B 621 -7.28 3.89 47.90
CA LEU B 621 -7.92 3.84 49.22
C LEU B 621 -9.43 3.80 49.14
N VAL B 622 -10.02 3.82 47.95
CA VAL B 622 -11.47 3.66 47.83
C VAL B 622 -11.88 2.26 48.24
N ARG B 623 -11.12 1.25 47.78
CA ARG B 623 -11.48 -0.14 47.95
C ARG B 623 -11.00 -0.75 49.27
N ASP B 624 -10.41 0.07 50.16
CA ASP B 624 -9.79 -0.25 51.46
C ASP B 624 -9.05 -1.58 51.44
N PRO B 625 -8.01 -1.72 50.62
CA PRO B 625 -7.33 -3.01 50.50
C PRO B 625 -6.50 -3.35 51.73
N ARG B 626 -6.31 -4.64 51.94
CA ARG B 626 -5.55 -5.10 53.10
C ARG B 626 -4.06 -4.87 52.93
N VAL B 627 -3.53 -5.15 51.75
CA VAL B 627 -2.12 -5.01 51.45
C VAL B 627 -1.96 -3.97 50.36
N LEU B 628 -1.18 -2.93 50.65
CA LEU B 628 -0.90 -1.87 49.68
C LEU B 628 0.58 -1.86 49.34
N ILE B 629 0.88 -1.77 48.05
CA ILE B 629 2.25 -1.70 47.56
C ILE B 629 2.43 -0.34 46.90
N LEU B 630 3.44 0.40 47.37
CA LEU B 630 3.74 1.73 46.86
C LEU B 630 5.09 1.67 46.15
N ASP B 631 5.06 1.70 44.81
CA ASP B 631 6.27 1.55 44.02
C ASP B 631 7.12 2.82 44.05
N GLU B 632 6.55 3.94 43.61
CA GLU B 632 7.26 5.22 43.57
C GLU B 632 6.39 6.31 44.19
N ALA B 633 5.85 6.04 45.36
CA ALA B 633 5.06 7.02 46.10
C ALA B 633 6.01 7.91 46.90
N THR B 634 5.45 8.70 47.83
CA THR B 634 6.15 9.71 48.63
C THR B 634 6.92 10.69 47.72
N SER B 635 8.22 10.44 47.56
CA SER B 635 9.12 11.25 46.73
C SER B 635 9.09 12.72 47.12
N ALA B 636 8.88 13.61 46.14
CA ALA B 636 8.76 15.04 46.44
C ALA B 636 7.49 15.35 47.22
N LEU B 637 6.48 14.48 47.11
CA LEU B 637 5.23 14.64 47.87
C LEU B 637 5.29 13.94 49.22
N ASP B 638 6.47 13.76 49.79
CA ASP B 638 6.59 13.11 51.10
C ASP B 638 6.15 14.04 52.22
N VAL B 639 5.92 15.31 51.92
CA VAL B 639 5.28 16.25 52.84
C VAL B 639 3.88 15.72 53.13
N GLN B 640 3.20 15.27 52.08
CA GLN B 640 1.95 14.54 52.22
C GLN B 640 2.29 13.12 52.66
N CYS B 641 2.31 12.89 53.98
CA CYS B 641 2.72 11.60 54.52
C CYS B 641 1.56 10.99 55.30
N GLU B 642 0.37 11.03 54.71
CA GLU B 642 -0.83 10.48 55.33
C GLU B 642 -1.21 9.11 54.79
N GLN B 643 -0.24 8.37 54.25
CA GLN B 643 -0.53 7.05 53.68
C GLN B 643 0.50 5.99 54.04
N ALA B 644 1.57 6.32 54.75
CA ALA B 644 2.66 5.36 54.94
C ALA B 644 2.55 4.65 56.29
N LEU B 645 2.51 5.41 57.38
CA LEU B 645 2.43 4.89 58.73
C LEU B 645 0.98 4.76 59.18
N GLN B 646 0.78 4.74 60.52
CA GLN B 646 -0.50 4.69 61.23
C GLN B 646 -1.54 5.63 60.60
N ASP B 647 -1.06 6.73 60.02
CA ASP B 647 -1.81 7.62 59.12
C ASP B 647 -2.72 6.88 58.15
N TRP B 648 -2.27 5.75 57.61
CA TRP B 648 -3.16 4.81 56.94
C TRP B 648 -3.25 3.46 57.63
N ASN B 649 -2.11 2.81 57.90
CA ASN B 649 -2.13 1.46 58.45
C ASN B 649 -2.31 1.47 59.95
N SER B 650 -2.05 0.33 60.60
CA SER B 650 -2.01 0.15 62.05
C SER B 650 -3.36 0.31 62.74
N ARG B 651 -4.40 0.63 61.96
CA ARG B 651 -5.77 0.58 62.48
C ARG B 651 -6.36 -0.79 62.21
N GLY B 652 -6.57 -1.55 63.27
CA GLY B 652 -6.80 -2.97 63.09
C GLY B 652 -5.51 -3.64 62.65
N ASP B 653 -5.56 -4.32 61.51
CA ASP B 653 -4.39 -4.95 60.91
C ASP B 653 -4.33 -4.55 59.44
N ARG B 654 -3.21 -3.94 59.03
CA ARG B 654 -3.00 -3.56 57.64
C ARG B 654 -1.51 -3.51 57.35
N THR B 655 -1.11 -4.05 56.19
CA THR B 655 0.29 -4.17 55.81
C THR B 655 0.56 -3.27 54.61
N VAL B 656 1.65 -2.51 54.67
CA VAL B 656 2.05 -1.61 53.60
C VAL B 656 3.48 -1.95 53.19
N LEU B 657 3.70 -2.07 51.88
CA LEU B 657 5.03 -2.26 51.31
C LEU B 657 5.43 -0.98 50.60
N VAL B 658 6.61 -0.45 50.95
CA VAL B 658 7.11 0.80 50.40
C VAL B 658 8.37 0.51 49.59
N ILE B 659 8.49 1.16 48.44
CA ILE B 659 9.68 1.06 47.60
C ILE B 659 10.20 2.47 47.36
N ALA B 660 11.50 2.68 47.57
CA ALA B 660 12.12 3.97 47.34
C ALA B 660 13.40 3.78 46.55
N HIS B 661 13.69 4.75 45.68
CA HIS B 661 14.92 4.68 44.87
C HIS B 661 16.14 5.02 45.72
N ARG B 662 16.17 6.23 46.28
CA ARG B 662 17.26 6.64 47.16
C ARG B 662 16.97 6.19 48.59
N LEU B 663 18.04 5.90 49.32
CA LEU B 663 17.93 5.39 50.69
C LEU B 663 17.55 6.55 51.62
N GLN B 664 16.24 6.78 51.73
CA GLN B 664 15.73 7.72 52.71
C GLN B 664 15.50 7.01 54.03
N THR B 665 15.67 7.74 55.14
CA THR B 665 15.45 7.17 56.45
C THR B 665 13.96 6.88 56.64
N VAL B 666 13.62 5.62 56.89
CA VAL B 666 12.24 5.19 57.01
C VAL B 666 11.71 5.62 58.37
N GLN B 667 10.71 6.49 58.37
CA GLN B 667 10.12 6.98 59.60
C GLN B 667 9.28 5.90 60.24
N ARG B 668 9.53 5.67 61.54
CA ARG B 668 8.89 4.61 62.33
C ARG B 668 9.07 3.25 61.67
N ALA B 669 10.32 2.93 61.34
CA ALA B 669 10.62 1.73 60.57
C ALA B 669 10.44 0.48 61.42
N HIS B 670 10.06 -0.61 60.76
CA HIS B 670 9.95 -1.92 61.38
C HIS B 670 10.84 -2.96 60.74
N GLN B 671 11.04 -2.89 59.42
CA GLN B 671 11.94 -3.77 58.71
C GLN B 671 12.58 -3.00 57.56
N ILE B 672 13.90 -3.15 57.42
CA ILE B 672 14.67 -2.48 56.37
C ILE B 672 15.23 -3.55 55.45
N LEU B 673 14.91 -3.45 54.16
CA LEU B 673 15.41 -4.37 53.16
C LEU B 673 16.06 -3.57 52.03
N VAL B 674 17.28 -3.96 51.65
CA VAL B 674 18.00 -3.32 50.56
C VAL B 674 18.23 -4.36 49.48
N LEU B 675 17.80 -4.06 48.26
CA LEU B 675 17.88 -5.00 47.15
C LEU B 675 19.04 -4.64 46.23
N GLN B 676 19.84 -5.65 45.88
CA GLN B 676 20.96 -5.47 44.97
C GLN B 676 21.04 -6.70 44.08
N GLU B 677 20.62 -6.54 42.82
CA GLU B 677 20.65 -7.60 41.80
C GLU B 677 19.88 -8.84 42.24
N GLY B 678 18.73 -8.62 42.87
CA GLY B 678 17.92 -9.72 43.35
C GLY B 678 18.38 -10.35 44.65
N LYS B 679 19.28 -9.68 45.38
CA LYS B 679 19.77 -10.16 46.66
C LYS B 679 19.56 -9.12 47.73
N LEU B 680 19.33 -9.58 48.96
CA LEU B 680 19.12 -8.71 50.10
C LEU B 680 19.93 -9.21 51.28
N GLN B 681 20.29 -8.29 52.18
CA GLN B 681 21.12 -8.63 53.34
C GLN B 681 20.35 -9.45 54.36
PG ATP C . 36.70 12.61 8.19
O1G ATP C . 37.26 13.52 9.23
O2G ATP C . 37.73 12.09 7.19
O3G ATP C . 35.92 11.42 8.76
PB ATP C . 35.45 13.94 5.82
O1B ATP C . 34.62 13.02 5.00
O2B ATP C . 36.84 14.23 5.27
O3B ATP C . 35.63 13.40 7.30
PA ATP C . 33.66 16.23 5.31
O1A ATP C . 32.55 15.41 4.79
O2A ATP C . 34.41 17.05 4.27
O3A ATP C . 34.73 15.33 6.06
O5' ATP C . 33.16 17.20 6.45
C5' ATP C . 32.01 18.06 6.27
C4' ATP C . 30.95 17.69 7.27
O4' ATP C . 29.68 18.22 6.82
C3' ATP C . 30.72 16.19 7.47
O3' ATP C . 31.58 15.68 8.48
C2' ATP C . 29.25 16.12 7.88
O2' ATP C . 29.08 16.32 9.28
C1' ATP C . 28.64 17.29 7.08
N9 ATP C . 28.04 16.90 5.81
C8 ATP C . 28.27 15.77 5.07
N7 ATP C . 27.58 15.70 3.96
C5 ATP C . 26.82 16.86 3.97
C6 ATP C . 25.88 17.39 3.07
N6 ATP C . 25.51 16.79 1.93
N1 ATP C . 25.32 18.58 3.38
C2 ATP C . 25.68 19.20 4.51
N3 ATP C . 26.55 18.79 5.43
C4 ATP C . 27.10 17.62 5.10
MG MG D . 36.94 12.16 5.29
MG MG E . 9.59 1.06 39.18
PB ADP F . 11.94 -0.78 37.77
O1B ADP F . 13.16 -0.18 38.42
O2B ADP F . 11.29 0.10 36.72
O3B ADP F . 10.98 -1.42 38.73
PA ADP F . 13.11 -3.32 37.64
O1A ADP F . 14.20 -2.88 38.58
O2A ADP F . 11.97 -4.15 38.16
O3A ADP F . 12.52 -2.02 36.91
O5' ADP F . 13.80 -4.11 36.41
C5' ADP F . 14.67 -5.21 36.66
C4' ADP F . 15.10 -5.83 35.33
O4' ADP F . 13.98 -6.42 34.68
C3' ADP F . 15.68 -4.80 34.38
O3' ADP F . 17.09 -5.01 34.23
C2' ADP F . 14.98 -5.02 33.05
O2' ADP F . 15.93 -5.40 32.05
C1' ADP F . 13.99 -6.14 33.28
N9 ADP F . 12.64 -5.70 32.86
C8 ADP F . 11.99 -4.64 33.38
N7 ADP F . 10.78 -4.48 32.79
C5 ADP F . 10.64 -5.46 31.88
C6 ADP F . 9.60 -5.88 30.91
N6 ADP F . 8.45 -5.18 30.80
N1 ADP F . 9.85 -6.95 30.14
C2 ADP F . 11.01 -7.64 30.23
N3 ADP F . 11.99 -7.32 31.09
C4 ADP F . 11.87 -6.26 31.93
#